data_1HAF
# 
_entry.id   1HAF 
# 
_audit_conform.dict_name       mmcif_pdbx.dic 
_audit_conform.dict_version    5.399 
_audit_conform.dict_location   http://mmcif.pdb.org/dictionaries/ascii/mmcif_pdbx.dic 
# 
loop_
_database_2.database_id 
_database_2.database_code 
_database_2.pdbx_database_accession 
_database_2.pdbx_DOI 
PDB   1HAF         pdb_00001haf 10.2210/pdb1haf/pdb 
WWPDB D_1000173743 ?            ?                   
# 
loop_
_pdbx_audit_revision_history.ordinal 
_pdbx_audit_revision_history.data_content_type 
_pdbx_audit_revision_history.major_revision 
_pdbx_audit_revision_history.minor_revision 
_pdbx_audit_revision_history.revision_date 
1 'Structure model' 1 0 1996-07-11 
2 'Structure model' 1 1 2008-03-24 
3 'Structure model' 1 2 2011-07-13 
4 'Structure model' 1 3 2022-02-23 
5 'Structure model' 1 4 2024-11-20 
# 
_pdbx_audit_revision_details.ordinal             1 
_pdbx_audit_revision_details.revision_ordinal    1 
_pdbx_audit_revision_details.data_content_type   'Structure model' 
_pdbx_audit_revision_details.provider            repository 
_pdbx_audit_revision_details.type                'Initial release' 
_pdbx_audit_revision_details.description         ? 
_pdbx_audit_revision_details.details             ? 
# 
loop_
_pdbx_audit_revision_group.ordinal 
_pdbx_audit_revision_group.revision_ordinal 
_pdbx_audit_revision_group.data_content_type 
_pdbx_audit_revision_group.group 
1 2 'Structure model' 'Version format compliance' 
2 3 'Structure model' 'Version format compliance' 
3 4 'Structure model' 'Data collection'           
4 4 'Structure model' 'Database references'       
5 4 'Structure model' 'Derived calculations'      
6 4 'Structure model' Other                       
7 5 'Structure model' 'Data collection'           
8 5 'Structure model' 'Structure summary'         
# 
loop_
_pdbx_audit_revision_category.ordinal 
_pdbx_audit_revision_category.revision_ordinal 
_pdbx_audit_revision_category.data_content_type 
_pdbx_audit_revision_category.category 
1 4 'Structure model' database_2                
2 4 'Structure model' pdbx_database_status      
3 4 'Structure model' pdbx_nmr_software         
4 4 'Structure model' pdbx_struct_assembly      
5 4 'Structure model' pdbx_struct_oper_list     
6 5 'Structure model' chem_comp_atom            
7 5 'Structure model' chem_comp_bond            
8 5 'Structure model' pdbx_entry_details        
9 5 'Structure model' pdbx_modification_feature 
# 
loop_
_pdbx_audit_revision_item.ordinal 
_pdbx_audit_revision_item.revision_ordinal 
_pdbx_audit_revision_item.data_content_type 
_pdbx_audit_revision_item.item 
1 4 'Structure model' '_database_2.pdbx_DOI'                
2 4 'Structure model' '_database_2.pdbx_database_accession' 
3 4 'Structure model' '_pdbx_database_status.process_site'  
4 4 'Structure model' '_pdbx_nmr_software.name'             
# 
_pdbx_database_status.status_code                     REL 
_pdbx_database_status.entry_id                        1HAF 
_pdbx_database_status.recvd_initial_deposition_date   1995-11-30 
_pdbx_database_status.deposit_site                    ? 
_pdbx_database_status.process_site                    BNL 
_pdbx_database_status.SG_entry                        . 
_pdbx_database_status.pdb_format_compatible           Y 
_pdbx_database_status.status_code_mr                  ? 
_pdbx_database_status.status_code_sf                  ? 
_pdbx_database_status.status_code_cs                  ? 
_pdbx_database_status.status_code_nmr_data            ? 
_pdbx_database_status.methods_development_category    ? 
# 
_pdbx_database_related.db_name        PDB 
_pdbx_database_related.db_id          1HAE 
_pdbx_database_related.details        . 
_pdbx_database_related.content_type   ensemble 
# 
loop_
_audit_author.name 
_audit_author.pdbx_ordinal 
'Jacobsen, N.E.'    1 
'Skelton, N.J.'     2 
'Fairbrother, W.J.' 3 
# 
loop_
_citation.id 
_citation.title 
_citation.journal_abbrev 
_citation.journal_volume 
_citation.page_first 
_citation.page_last 
_citation.year 
_citation.journal_id_ASTM 
_citation.country 
_citation.journal_id_ISSN 
_citation.journal_id_CSD 
_citation.book_publisher 
_citation.pdbx_database_id_PubMed 
_citation.pdbx_database_id_DOI 
primary 'High-resolution solution structure of the EGF-like domain of heregulin-alpha.' Biochemistry 35  3402 3417 1996 BICHAW US 
0006-2960 0033 ? 8639490 10.1021/bi952626l 
1       'Identification of Heregulin, a Specific Activator of P185Erbb2'                Science      256 1205 ?    1992 SCIEAS US 
0036-8075 0038 ? ?       ?                 
# 
loop_
_citation_author.citation_id 
_citation_author.name 
_citation_author.ordinal 
_citation_author.identifier_ORCID 
primary 'Jacobsen, N.E.'    1  ? 
primary 'Abadi, N.'         2  ? 
primary 'Sliwkowski, M.X.'  3  ? 
primary 'Reilly, D.'        4  ? 
primary 'Skelton, N.J.'     5  ? 
primary 'Fairbrother, W.J.' 6  ? 
1       'Holmes, W.E.'      7  ? 
1       'Sliwkowski, M.X.'  8  ? 
1       'Akita, R.W.'       9  ? 
1       'Henzel, W.J.'      10 ? 
1       'Lee, J.'           11 ? 
1       'Park, J.W.'        12 ? 
1       'Yansura, D.'       13 ? 
1       'Abadi, N.'         14 ? 
1       'Raab, H.'          15 ? 
1       'Lewis, G.D.'       16 ? 
1       'al., et'           17 ? 
# 
_entity.id                         1 
_entity.type                       polymer 
_entity.src_method                 man 
_entity.pdbx_description           HEREGULIN-ALPHA 
_entity.formula_weight             7129.222 
_entity.pdbx_number_of_molecules   1 
_entity.pdbx_ec                    ? 
_entity.pdbx_mutation              ? 
_entity.pdbx_fragment              'EPIDERMAL GROWTH FACTOR-LIKE DOMAIN' 
_entity.details                    ? 
# 
_entity_name_com.entity_id   1 
_entity_name_com.name        
'NEU DIFFERENTIATION FACTOR (RAT), ACETYLCHOLINE RECEPTOR INDUCING ACTIVITY (CHICKEN), GLIAL GROWTH FACTOR (HUMAN), NEUREGULIN' 
# 
_entity_poly.entity_id                      1 
_entity_poly.type                           'polypeptide(L)' 
_entity_poly.nstd_linkage                   no 
_entity_poly.nstd_monomer                   no 
_entity_poly.pdbx_seq_one_letter_code       SHLVKCAEKEKTFCVNGGECFMVKDLSNPSRYLCKCQPGFTGARCTENVPMKVQNQEKAEELY 
_entity_poly.pdbx_seq_one_letter_code_can   SHLVKCAEKEKTFCVNGGECFMVKDLSNPSRYLCKCQPGFTGARCTENVPMKVQNQEKAEELY 
_entity_poly.pdbx_strand_id                 A 
_entity_poly.pdbx_target_identifier         ? 
# 
loop_
_entity_poly_seq.entity_id 
_entity_poly_seq.num 
_entity_poly_seq.mon_id 
_entity_poly_seq.hetero 
1 1  SER n 
1 2  HIS n 
1 3  LEU n 
1 4  VAL n 
1 5  LYS n 
1 6  CYS n 
1 7  ALA n 
1 8  GLU n 
1 9  LYS n 
1 10 GLU n 
1 11 LYS n 
1 12 THR n 
1 13 PHE n 
1 14 CYS n 
1 15 VAL n 
1 16 ASN n 
1 17 GLY n 
1 18 GLY n 
1 19 GLU n 
1 20 CYS n 
1 21 PHE n 
1 22 MET n 
1 23 VAL n 
1 24 LYS n 
1 25 ASP n 
1 26 LEU n 
1 27 SER n 
1 28 ASN n 
1 29 PRO n 
1 30 SER n 
1 31 ARG n 
1 32 TYR n 
1 33 LEU n 
1 34 CYS n 
1 35 LYS n 
1 36 CYS n 
1 37 GLN n 
1 38 PRO n 
1 39 GLY n 
1 40 PHE n 
1 41 THR n 
1 42 GLY n 
1 43 ALA n 
1 44 ARG n 
1 45 CYS n 
1 46 THR n 
1 47 GLU n 
1 48 ASN n 
1 49 VAL n 
1 50 PRO n 
1 51 MET n 
1 52 LYS n 
1 53 VAL n 
1 54 GLN n 
1 55 ASN n 
1 56 GLN n 
1 57 GLU n 
1 58 LYS n 
1 59 ALA n 
1 60 GLU n 
1 61 GLU n 
1 62 LEU n 
1 63 TYR n 
# 
_entity_src_gen.entity_id                          1 
_entity_src_gen.pdbx_src_id                        1 
_entity_src_gen.pdbx_alt_source_flag               sample 
_entity_src_gen.pdbx_seq_type                      ? 
_entity_src_gen.pdbx_beg_seq_num                   ? 
_entity_src_gen.pdbx_end_seq_num                   ? 
_entity_src_gen.gene_src_common_name               human 
_entity_src_gen.gene_src_genus                     Homo 
_entity_src_gen.pdbx_gene_src_gene                 ? 
_entity_src_gen.gene_src_species                   ? 
_entity_src_gen.gene_src_strain                    ? 
_entity_src_gen.gene_src_tissue                    ? 
_entity_src_gen.gene_src_tissue_fraction           ? 
_entity_src_gen.gene_src_details                   ? 
_entity_src_gen.pdbx_gene_src_fragment             ? 
_entity_src_gen.pdbx_gene_src_scientific_name      'Homo sapiens' 
_entity_src_gen.pdbx_gene_src_ncbi_taxonomy_id     9606 
_entity_src_gen.pdbx_gene_src_variant              ? 
_entity_src_gen.pdbx_gene_src_cell_line            ? 
_entity_src_gen.pdbx_gene_src_atcc                 ? 
_entity_src_gen.pdbx_gene_src_organ                ? 
_entity_src_gen.pdbx_gene_src_organelle            ? 
_entity_src_gen.pdbx_gene_src_cell                 ? 
_entity_src_gen.pdbx_gene_src_cellular_location    ? 
_entity_src_gen.host_org_common_name               ? 
_entity_src_gen.pdbx_host_org_scientific_name      'Escherichia coli' 
_entity_src_gen.pdbx_host_org_ncbi_taxonomy_id     562 
_entity_src_gen.host_org_genus                     Escherichia 
_entity_src_gen.pdbx_host_org_gene                 ? 
_entity_src_gen.pdbx_host_org_organ                ? 
_entity_src_gen.host_org_species                   ? 
_entity_src_gen.pdbx_host_org_tissue               ? 
_entity_src_gen.pdbx_host_org_tissue_fraction      ? 
_entity_src_gen.pdbx_host_org_strain               ? 
_entity_src_gen.pdbx_host_org_variant              ? 
_entity_src_gen.pdbx_host_org_cell_line            ? 
_entity_src_gen.pdbx_host_org_atcc                 ? 
_entity_src_gen.pdbx_host_org_culture_collection   ? 
_entity_src_gen.pdbx_host_org_cell                 ? 
_entity_src_gen.pdbx_host_org_organelle            ? 
_entity_src_gen.pdbx_host_org_cellular_location    ? 
_entity_src_gen.pdbx_host_org_vector_type          ? 
_entity_src_gen.pdbx_host_org_vector               ? 
_entity_src_gen.host_org_details                   ? 
_entity_src_gen.expression_system_id               ? 
_entity_src_gen.plasmid_name                       ? 
_entity_src_gen.plasmid_details                    ? 
_entity_src_gen.pdbx_description                   ? 
# 
loop_
_chem_comp.id 
_chem_comp.type 
_chem_comp.mon_nstd_flag 
_chem_comp.name 
_chem_comp.pdbx_synonyms 
_chem_comp.formula 
_chem_comp.formula_weight 
ALA 'L-peptide linking' y ALANINE         ? 'C3 H7 N O2'     89.093  
ARG 'L-peptide linking' y ARGININE        ? 'C6 H15 N4 O2 1' 175.209 
ASN 'L-peptide linking' y ASPARAGINE      ? 'C4 H8 N2 O3'    132.118 
ASP 'L-peptide linking' y 'ASPARTIC ACID' ? 'C4 H7 N O4'     133.103 
CYS 'L-peptide linking' y CYSTEINE        ? 'C3 H7 N O2 S'   121.158 
GLN 'L-peptide linking' y GLUTAMINE       ? 'C5 H10 N2 O3'   146.144 
GLU 'L-peptide linking' y 'GLUTAMIC ACID' ? 'C5 H9 N O4'     147.129 
GLY 'peptide linking'   y GLYCINE         ? 'C2 H5 N O2'     75.067  
HIS 'L-peptide linking' y HISTIDINE       ? 'C6 H10 N3 O2 1' 156.162 
LEU 'L-peptide linking' y LEUCINE         ? 'C6 H13 N O2'    131.173 
LYS 'L-peptide linking' y LYSINE          ? 'C6 H15 N2 O2 1' 147.195 
MET 'L-peptide linking' y METHIONINE      ? 'C5 H11 N O2 S'  149.211 
PHE 'L-peptide linking' y PHENYLALANINE   ? 'C9 H11 N O2'    165.189 
PRO 'L-peptide linking' y PROLINE         ? 'C5 H9 N O2'     115.130 
SER 'L-peptide linking' y SERINE          ? 'C3 H7 N O3'     105.093 
THR 'L-peptide linking' y THREONINE       ? 'C4 H9 N O3'     119.119 
TYR 'L-peptide linking' y TYROSINE        ? 'C9 H11 N O3'    181.189 
VAL 'L-peptide linking' y VALINE          ? 'C5 H11 N O2'    117.146 
# 
loop_
_pdbx_poly_seq_scheme.asym_id 
_pdbx_poly_seq_scheme.entity_id 
_pdbx_poly_seq_scheme.seq_id 
_pdbx_poly_seq_scheme.mon_id 
_pdbx_poly_seq_scheme.ndb_seq_num 
_pdbx_poly_seq_scheme.pdb_seq_num 
_pdbx_poly_seq_scheme.auth_seq_num 
_pdbx_poly_seq_scheme.pdb_mon_id 
_pdbx_poly_seq_scheme.auth_mon_id 
_pdbx_poly_seq_scheme.pdb_strand_id 
_pdbx_poly_seq_scheme.pdb_ins_code 
_pdbx_poly_seq_scheme.hetero 
A 1 1  SER 1  1  1  SER SER A . n 
A 1 2  HIS 2  2  2  HIS HIS A . n 
A 1 3  LEU 3  3  3  LEU LEU A . n 
A 1 4  VAL 4  4  4  VAL VAL A . n 
A 1 5  LYS 5  5  5  LYS LYS A . n 
A 1 6  CYS 6  6  6  CYS CYS A . n 
A 1 7  ALA 7  7  7  ALA ALA A . n 
A 1 8  GLU 8  8  8  GLU GLU A . n 
A 1 9  LYS 9  9  9  LYS LYS A . n 
A 1 10 GLU 10 10 10 GLU GLU A . n 
A 1 11 LYS 11 11 11 LYS LYS A . n 
A 1 12 THR 12 12 12 THR THR A . n 
A 1 13 PHE 13 13 13 PHE PHE A . n 
A 1 14 CYS 14 14 14 CYS CYS A . n 
A 1 15 VAL 15 15 15 VAL VAL A . n 
A 1 16 ASN 16 16 16 ASN ASN A . n 
A 1 17 GLY 17 17 17 GLY GLY A . n 
A 1 18 GLY 18 18 18 GLY GLY A . n 
A 1 19 GLU 19 19 19 GLU GLU A . n 
A 1 20 CYS 20 20 20 CYS CYS A . n 
A 1 21 PHE 21 21 21 PHE PHE A . n 
A 1 22 MET 22 22 22 MET MET A . n 
A 1 23 VAL 23 23 23 VAL VAL A . n 
A 1 24 LYS 24 24 24 LYS LYS A . n 
A 1 25 ASP 25 25 25 ASP ASP A . n 
A 1 26 LEU 26 26 26 LEU LEU A . n 
A 1 27 SER 27 27 27 SER SER A . n 
A 1 28 ASN 28 28 28 ASN ASN A . n 
A 1 29 PRO 29 29 29 PRO PRO A . n 
A 1 30 SER 30 30 30 SER SER A . n 
A 1 31 ARG 31 31 31 ARG ARG A . n 
A 1 32 TYR 32 32 32 TYR TYR A . n 
A 1 33 LEU 33 33 33 LEU LEU A . n 
A 1 34 CYS 34 34 34 CYS CYS A . n 
A 1 35 LYS 35 35 35 LYS LYS A . n 
A 1 36 CYS 36 36 36 CYS CYS A . n 
A 1 37 GLN 37 37 37 GLN GLN A . n 
A 1 38 PRO 38 38 38 PRO PRO A . n 
A 1 39 GLY 39 39 39 GLY GLY A . n 
A 1 40 PHE 40 40 40 PHE PHE A . n 
A 1 41 THR 41 41 41 THR THR A . n 
A 1 42 GLY 42 42 42 GLY GLY A . n 
A 1 43 ALA 43 43 43 ALA ALA A . n 
A 1 44 ARG 44 44 44 ARG ARG A . n 
A 1 45 CYS 45 45 45 CYS CYS A . n 
A 1 46 THR 46 46 46 THR THR A . n 
A 1 47 GLU 47 47 47 GLU GLU A . n 
A 1 48 ASN 48 48 48 ASN ASN A . n 
A 1 49 VAL 49 49 49 VAL VAL A . n 
A 1 50 PRO 50 50 50 PRO PRO A . n 
A 1 51 MET 51 51 51 MET MET A . n 
A 1 52 LYS 52 52 52 LYS LYS A . n 
A 1 53 VAL 53 53 53 VAL VAL A . n 
A 1 54 GLN 54 54 54 GLN GLN A . n 
A 1 55 ASN 55 55 55 ASN ASN A . n 
A 1 56 GLN 56 56 56 GLN GLN A . n 
A 1 57 GLU 57 57 57 GLU GLU A . n 
A 1 58 LYS 58 58 58 LYS LYS A . n 
A 1 59 ALA 59 59 59 ALA ALA A . n 
A 1 60 GLU 60 60 60 GLU GLU A . n 
A 1 61 GLU 61 61 61 GLU GLU A . n 
A 1 62 LEU 62 62 62 LEU LEU A . n 
A 1 63 TYR 63 63 63 TYR TYR A . n 
# 
_software.name             AMBER 
_software.classification   refinement 
_software.version          . 
_software.citation_id      ? 
_software.pdbx_ordinal     1 
# 
_cell.entry_id           1HAF 
_cell.length_a           1.000 
_cell.length_b           1.000 
_cell.length_c           1.000 
_cell.angle_alpha        90.00 
_cell.angle_beta         90.00 
_cell.angle_gamma        90.00 
_cell.Z_PDB              1 
_cell.pdbx_unique_axis   ? 
# 
_symmetry.entry_id                         1HAF 
_symmetry.space_group_name_H-M             'P 1' 
_symmetry.pdbx_full_space_group_name_H-M   ? 
_symmetry.cell_setting                     ? 
_symmetry.Int_Tables_number                1 
# 
_exptl.entry_id          1HAF 
_exptl.method            'SOLUTION NMR' 
_exptl.crystals_number   ? 
# 
_struct.entry_id                  1HAF 
_struct.title                     'HEREGULIN-ALPHA EPIDERMAL GROWTH FACTOR-LIKE DOMAIN, NMR, MINIMIZED AVERAGE STRUCTURE' 
_struct.pdbx_model_details        ? 
_struct.pdbx_CASP_flag            ? 
_struct.pdbx_model_type_details   ? 
# 
_struct_keywords.entry_id        1HAF 
_struct_keywords.pdbx_keywords   'GROWTH FACTOR' 
_struct_keywords.text            'GROWTH FACTOR' 
# 
_struct_asym.id                            A 
_struct_asym.pdbx_blank_PDB_chainid_flag   Y 
_struct_asym.pdbx_modified                 N 
_struct_asym.entity_id                     1 
_struct_asym.details                       ? 
# 
_struct_ref.id                         1 
_struct_ref.db_name                    UNP 
_struct_ref.db_code                    NRG1_HUMAN 
_struct_ref.entity_id                  1 
_struct_ref.pdbx_db_accession          Q02297 
_struct_ref.pdbx_align_begin           1 
_struct_ref.pdbx_seq_one_letter_code   
;SERKEGRGKGKGKKKERGSGKKPESAAGSQSPALPPRLKEMKSQESAAGSKLVLRCETSSEYSSLRFKWFKNGNELNRKN
KPQNIKIQKKPGKSELRINKASLADSGEYMCKVISKLGNDSASANITIVESNEIITGMPASTEGAYVSSESPIRISVSTE
GANTSSSTSTSTTGTSHLVKCAEKEKTFCVNGGECFMVKDLSNPSRYLCKCQPGFTGARCTENVPMKVQNQEKAEELYQK
RVLTITGICIALLVVGIMCVVAYCKTKKQRKKLHDRLRQSLRSERNNMMNIANGPHHPNPPPENVQLVNQYVSKNVISSE
HIVEREAETSFSTSHYTSTAHHSTTVTQTPSHSWSNGHTESILSESHSVIVMSSVENSRHSSPTGGPRGRLNGTGGPREC
NSFLRHARETPDSYRDSPHSERYVSAMTTPARMSPVDFHTPSSPKSPPSEMSPPVSSMTVSMPSMAVSPFMEEERPLLLV
TPPRLREKKFDHHPQQFSSFHHNPAHDSNSLPASPLRIVEDEEYETTQEYEPAQEPVKKLANSRRAKRTKPNGHIANRLE
VDSNTSSQSSNSESETEDERVGEDTPFLGIQNPLAASLEATPAFRLADSRTNPAGRFSTQEEIQARLSSVIANQDPIAV
;
_struct_ref.pdbx_db_isoform            ? 
# 
_struct_ref_seq.align_id                      1 
_struct_ref_seq.ref_id                        1 
_struct_ref_seq.pdbx_PDB_id_code              1HAF 
_struct_ref_seq.pdbx_strand_id                A 
_struct_ref_seq.seq_align_beg                 1 
_struct_ref_seq.pdbx_seq_align_beg_ins_code   ? 
_struct_ref_seq.seq_align_end                 63 
_struct_ref_seq.pdbx_seq_align_end_ins_code   ? 
_struct_ref_seq.pdbx_db_accession             Q02297 
_struct_ref_seq.db_align_beg                  176 
_struct_ref_seq.pdbx_db_align_beg_ins_code    ? 
_struct_ref_seq.db_align_end                  238 
_struct_ref_seq.pdbx_db_align_end_ins_code    ? 
_struct_ref_seq.pdbx_auth_seq_align_beg       1 
_struct_ref_seq.pdbx_auth_seq_align_end       63 
# 
_pdbx_struct_assembly.id                   1 
_pdbx_struct_assembly.details              author_defined_assembly 
_pdbx_struct_assembly.method_details       ? 
_pdbx_struct_assembly.oligomeric_details   monomeric 
_pdbx_struct_assembly.oligomeric_count     1 
# 
_pdbx_struct_assembly_gen.assembly_id       1 
_pdbx_struct_assembly_gen.oper_expression   1 
_pdbx_struct_assembly_gen.asym_id_list      A 
# 
_pdbx_struct_oper_list.id                   1 
_pdbx_struct_oper_list.type                 'identity operation' 
_pdbx_struct_oper_list.name                 1_555 
_pdbx_struct_oper_list.symmetry_operation   x,y,z 
_pdbx_struct_oper_list.matrix[1][1]         1.0000000000 
_pdbx_struct_oper_list.matrix[1][2]         0.0000000000 
_pdbx_struct_oper_list.matrix[1][3]         0.0000000000 
_pdbx_struct_oper_list.vector[1]            0.0000000000 
_pdbx_struct_oper_list.matrix[2][1]         0.0000000000 
_pdbx_struct_oper_list.matrix[2][2]         1.0000000000 
_pdbx_struct_oper_list.matrix[2][3]         0.0000000000 
_pdbx_struct_oper_list.vector[2]            0.0000000000 
_pdbx_struct_oper_list.matrix[3][1]         0.0000000000 
_pdbx_struct_oper_list.matrix[3][2]         0.0000000000 
_pdbx_struct_oper_list.matrix[3][3]         1.0000000000 
_pdbx_struct_oper_list.vector[3]            0.0000000000 
# 
_struct_biol.id   1 
# 
_struct_conf.conf_type_id            HELX_P 
_struct_conf.id                      HELX_P1 
_struct_conf.pdbx_PDB_helix_id       1 
_struct_conf.beg_label_comp_id       GLU 
_struct_conf.beg_label_asym_id       A 
_struct_conf.beg_label_seq_id        8 
_struct_conf.pdbx_beg_PDB_ins_code   ? 
_struct_conf.end_label_comp_id       PHE 
_struct_conf.end_label_asym_id       A 
_struct_conf.end_label_seq_id        13 
_struct_conf.pdbx_end_PDB_ins_code   ? 
_struct_conf.beg_auth_comp_id        GLU 
_struct_conf.beg_auth_asym_id        A 
_struct_conf.beg_auth_seq_id         8 
_struct_conf.end_auth_comp_id        PHE 
_struct_conf.end_auth_asym_id        A 
_struct_conf.end_auth_seq_id         13 
_struct_conf.pdbx_PDB_helix_class    1 
_struct_conf.details                 ? 
_struct_conf.pdbx_PDB_helix_length   6 
# 
_struct_conf_type.id          HELX_P 
_struct_conf_type.criteria    ? 
_struct_conf_type.reference   ? 
# 
loop_
_struct_conn.id 
_struct_conn.conn_type_id 
_struct_conn.pdbx_leaving_atom_flag 
_struct_conn.pdbx_PDB_id 
_struct_conn.ptnr1_label_asym_id 
_struct_conn.ptnr1_label_comp_id 
_struct_conn.ptnr1_label_seq_id 
_struct_conn.ptnr1_label_atom_id 
_struct_conn.pdbx_ptnr1_label_alt_id 
_struct_conn.pdbx_ptnr1_PDB_ins_code 
_struct_conn.pdbx_ptnr1_standard_comp_id 
_struct_conn.ptnr1_symmetry 
_struct_conn.ptnr2_label_asym_id 
_struct_conn.ptnr2_label_comp_id 
_struct_conn.ptnr2_label_seq_id 
_struct_conn.ptnr2_label_atom_id 
_struct_conn.pdbx_ptnr2_label_alt_id 
_struct_conn.pdbx_ptnr2_PDB_ins_code 
_struct_conn.ptnr1_auth_asym_id 
_struct_conn.ptnr1_auth_comp_id 
_struct_conn.ptnr1_auth_seq_id 
_struct_conn.ptnr2_auth_asym_id 
_struct_conn.ptnr2_auth_comp_id 
_struct_conn.ptnr2_auth_seq_id 
_struct_conn.ptnr2_symmetry 
_struct_conn.pdbx_ptnr3_label_atom_id 
_struct_conn.pdbx_ptnr3_label_seq_id 
_struct_conn.pdbx_ptnr3_label_comp_id 
_struct_conn.pdbx_ptnr3_label_asym_id 
_struct_conn.pdbx_ptnr3_label_alt_id 
_struct_conn.pdbx_ptnr3_PDB_ins_code 
_struct_conn.details 
_struct_conn.pdbx_dist_value 
_struct_conn.pdbx_value_order 
_struct_conn.pdbx_role 
disulf1 disulf ? ? A CYS 6  SG ? ? ? 1_555 A CYS 20 SG ? ? A CYS 6  A CYS 20 1_555 ? ? ? ? ? ? ? 2.057 ? ? 
disulf2 disulf ? ? A CYS 14 SG ? ? ? 1_555 A CYS 34 SG ? ? A CYS 14 A CYS 34 1_555 ? ? ? ? ? ? ? 2.045 ? ? 
disulf3 disulf ? ? A CYS 36 SG ? ? ? 1_555 A CYS 45 SG ? ? A CYS 36 A CYS 45 1_555 ? ? ? ? ? ? ? 2.039 ? ? 
# 
_struct_conn_type.id          disulf 
_struct_conn_type.criteria    ? 
_struct_conn_type.reference   ? 
# 
loop_
_pdbx_modification_feature.ordinal 
_pdbx_modification_feature.label_comp_id 
_pdbx_modification_feature.label_asym_id 
_pdbx_modification_feature.label_seq_id 
_pdbx_modification_feature.label_alt_id 
_pdbx_modification_feature.modified_residue_label_comp_id 
_pdbx_modification_feature.modified_residue_label_asym_id 
_pdbx_modification_feature.modified_residue_label_seq_id 
_pdbx_modification_feature.modified_residue_label_alt_id 
_pdbx_modification_feature.auth_comp_id 
_pdbx_modification_feature.auth_asym_id 
_pdbx_modification_feature.auth_seq_id 
_pdbx_modification_feature.PDB_ins_code 
_pdbx_modification_feature.symmetry 
_pdbx_modification_feature.modified_residue_auth_comp_id 
_pdbx_modification_feature.modified_residue_auth_asym_id 
_pdbx_modification_feature.modified_residue_auth_seq_id 
_pdbx_modification_feature.modified_residue_PDB_ins_code 
_pdbx_modification_feature.modified_residue_symmetry 
_pdbx_modification_feature.comp_id_linking_atom 
_pdbx_modification_feature.modified_residue_id_linking_atom 
_pdbx_modification_feature.modified_residue_id 
_pdbx_modification_feature.ref_pcm_id 
_pdbx_modification_feature.ref_comp_id 
_pdbx_modification_feature.type 
_pdbx_modification_feature.category 
1 CYS A 6  ? CYS A 20 ? CYS A 6  ? 1_555 CYS A 20 ? 1_555 SG SG . . . None 'Disulfide bridge' 
2 CYS A 14 ? CYS A 34 ? CYS A 14 ? 1_555 CYS A 34 ? 1_555 SG SG . . . None 'Disulfide bridge' 
3 CYS A 36 ? CYS A 45 ? CYS A 36 ? 1_555 CYS A 45 ? 1_555 SG SG . . . None 'Disulfide bridge' 
# 
_struct_sheet.id               A 
_struct_sheet.type             ? 
_struct_sheet.number_strands   3 
_struct_sheet.details          ? 
# 
loop_
_struct_sheet_order.sheet_id 
_struct_sheet_order.range_id_1 
_struct_sheet_order.range_id_2 
_struct_sheet_order.offset 
_struct_sheet_order.sense 
A 1 2 ? anti-parallel 
A 2 3 ? anti-parallel 
# 
loop_
_struct_sheet_range.sheet_id 
_struct_sheet_range.id 
_struct_sheet_range.beg_label_comp_id 
_struct_sheet_range.beg_label_asym_id 
_struct_sheet_range.beg_label_seq_id 
_struct_sheet_range.pdbx_beg_PDB_ins_code 
_struct_sheet_range.end_label_comp_id 
_struct_sheet_range.end_label_asym_id 
_struct_sheet_range.end_label_seq_id 
_struct_sheet_range.pdbx_end_PDB_ins_code 
_struct_sheet_range.beg_auth_comp_id 
_struct_sheet_range.beg_auth_asym_id 
_struct_sheet_range.beg_auth_seq_id 
_struct_sheet_range.end_auth_comp_id 
_struct_sheet_range.end_auth_asym_id 
_struct_sheet_range.end_auth_seq_id 
A 1 HIS A 2  ? LYS A 5  ? HIS A 2  LYS A 5  
A 2 GLU A 19 ? LYS A 24 ? GLU A 19 LYS A 24 
A 3 TYR A 32 ? LYS A 35 ? TYR A 32 LYS A 35 
# 
loop_
_pdbx_struct_sheet_hbond.sheet_id 
_pdbx_struct_sheet_hbond.range_id_1 
_pdbx_struct_sheet_hbond.range_id_2 
_pdbx_struct_sheet_hbond.range_1_label_atom_id 
_pdbx_struct_sheet_hbond.range_1_label_comp_id 
_pdbx_struct_sheet_hbond.range_1_label_asym_id 
_pdbx_struct_sheet_hbond.range_1_label_seq_id 
_pdbx_struct_sheet_hbond.range_1_PDB_ins_code 
_pdbx_struct_sheet_hbond.range_1_auth_atom_id 
_pdbx_struct_sheet_hbond.range_1_auth_comp_id 
_pdbx_struct_sheet_hbond.range_1_auth_asym_id 
_pdbx_struct_sheet_hbond.range_1_auth_seq_id 
_pdbx_struct_sheet_hbond.range_2_label_atom_id 
_pdbx_struct_sheet_hbond.range_2_label_comp_id 
_pdbx_struct_sheet_hbond.range_2_label_asym_id 
_pdbx_struct_sheet_hbond.range_2_label_seq_id 
_pdbx_struct_sheet_hbond.range_2_PDB_ins_code 
_pdbx_struct_sheet_hbond.range_2_auth_atom_id 
_pdbx_struct_sheet_hbond.range_2_auth_comp_id 
_pdbx_struct_sheet_hbond.range_2_auth_asym_id 
_pdbx_struct_sheet_hbond.range_2_auth_seq_id 
A 1 2 O HIS A 2  ? O HIS A 2  N LYS A 24 ? N LYS A 24 
A 2 3 O GLU A 19 ? O GLU A 19 N LYS A 35 ? N LYS A 35 
# 
_pdbx_entry_details.entry_id                   1HAF 
_pdbx_entry_details.compound_details           ? 
_pdbx_entry_details.source_details             ? 
_pdbx_entry_details.nonpolymer_details         ? 
_pdbx_entry_details.sequence_details           ? 
_pdbx_entry_details.has_ligand_of_interest     ? 
_pdbx_entry_details.has_protein_modification   Y 
# 
loop_
_pdbx_validate_torsion.id 
_pdbx_validate_torsion.PDB_model_num 
_pdbx_validate_torsion.auth_comp_id 
_pdbx_validate_torsion.auth_asym_id 
_pdbx_validate_torsion.auth_seq_id 
_pdbx_validate_torsion.PDB_ins_code 
_pdbx_validate_torsion.label_alt_id 
_pdbx_validate_torsion.phi 
_pdbx_validate_torsion.psi 
1 1 SER A 27 ? ? -150.37 -57.84  
2 1 SER A 30 ? ? -172.13 56.54   
3 1 PRO A 50 ? ? -53.72  108.54  
4 1 LYS A 52 ? ? -101.72 -163.98 
5 1 GLN A 54 ? ? -62.84  73.06   
6 1 ASN A 55 ? ? -174.88 -41.29  
7 1 GLU A 60 ? ? -80.23  43.51   
# 
_pdbx_nmr_ensemble.entry_id                             1HAF 
_pdbx_nmr_ensemble.conformers_calculated_total_number   ? 
_pdbx_nmr_ensemble.conformers_submitted_total_number    1 
_pdbx_nmr_ensemble.conformer_selection_criteria         ? 
# 
_pdbx_nmr_exptl_sample_conditions.conditions_id       1 
_pdbx_nmr_exptl_sample_conditions.temperature         293 
_pdbx_nmr_exptl_sample_conditions.pressure            ? 
_pdbx_nmr_exptl_sample_conditions.pH                  4.5 
_pdbx_nmr_exptl_sample_conditions.ionic_strength      ? 
_pdbx_nmr_exptl_sample_conditions.pressure_units      ? 
_pdbx_nmr_exptl_sample_conditions.temperature_units   K 
# 
_pdbx_nmr_software.classification   refinement 
_pdbx_nmr_software.name             Discover 
_pdbx_nmr_software.version          ? 
_pdbx_nmr_software.authors          'BIOSYM TECHNOLOGIES' 
_pdbx_nmr_software.ordinal          1 
# 
loop_
_chem_comp_atom.comp_id 
_chem_comp_atom.atom_id 
_chem_comp_atom.type_symbol 
_chem_comp_atom.pdbx_aromatic_flag 
_chem_comp_atom.pdbx_stereo_config 
_chem_comp_atom.pdbx_ordinal 
ALA N    N N N 1   
ALA CA   C N S 2   
ALA C    C N N 3   
ALA O    O N N 4   
ALA CB   C N N 5   
ALA OXT  O N N 6   
ALA H    H N N 7   
ALA H2   H N N 8   
ALA HA   H N N 9   
ALA HB1  H N N 10  
ALA HB2  H N N 11  
ALA HB3  H N N 12  
ALA HXT  H N N 13  
ARG N    N N N 14  
ARG CA   C N S 15  
ARG C    C N N 16  
ARG O    O N N 17  
ARG CB   C N N 18  
ARG CG   C N N 19  
ARG CD   C N N 20  
ARG NE   N N N 21  
ARG CZ   C N N 22  
ARG NH1  N N N 23  
ARG NH2  N N N 24  
ARG OXT  O N N 25  
ARG H    H N N 26  
ARG H2   H N N 27  
ARG HA   H N N 28  
ARG HB2  H N N 29  
ARG HB3  H N N 30  
ARG HG2  H N N 31  
ARG HG3  H N N 32  
ARG HD2  H N N 33  
ARG HD3  H N N 34  
ARG HE   H N N 35  
ARG HH11 H N N 36  
ARG HH12 H N N 37  
ARG HH21 H N N 38  
ARG HH22 H N N 39  
ARG HXT  H N N 40  
ASN N    N N N 41  
ASN CA   C N S 42  
ASN C    C N N 43  
ASN O    O N N 44  
ASN CB   C N N 45  
ASN CG   C N N 46  
ASN OD1  O N N 47  
ASN ND2  N N N 48  
ASN OXT  O N N 49  
ASN H    H N N 50  
ASN H2   H N N 51  
ASN HA   H N N 52  
ASN HB2  H N N 53  
ASN HB3  H N N 54  
ASN HD21 H N N 55  
ASN HD22 H N N 56  
ASN HXT  H N N 57  
ASP N    N N N 58  
ASP CA   C N S 59  
ASP C    C N N 60  
ASP O    O N N 61  
ASP CB   C N N 62  
ASP CG   C N N 63  
ASP OD1  O N N 64  
ASP OD2  O N N 65  
ASP OXT  O N N 66  
ASP H    H N N 67  
ASP H2   H N N 68  
ASP HA   H N N 69  
ASP HB2  H N N 70  
ASP HB3  H N N 71  
ASP HD2  H N N 72  
ASP HXT  H N N 73  
CYS N    N N N 74  
CYS CA   C N R 75  
CYS C    C N N 76  
CYS O    O N N 77  
CYS CB   C N N 78  
CYS SG   S N N 79  
CYS OXT  O N N 80  
CYS H    H N N 81  
CYS H2   H N N 82  
CYS HA   H N N 83  
CYS HB2  H N N 84  
CYS HB3  H N N 85  
CYS HG   H N N 86  
CYS HXT  H N N 87  
GLN N    N N N 88  
GLN CA   C N S 89  
GLN C    C N N 90  
GLN O    O N N 91  
GLN CB   C N N 92  
GLN CG   C N N 93  
GLN CD   C N N 94  
GLN OE1  O N N 95  
GLN NE2  N N N 96  
GLN OXT  O N N 97  
GLN H    H N N 98  
GLN H2   H N N 99  
GLN HA   H N N 100 
GLN HB2  H N N 101 
GLN HB3  H N N 102 
GLN HG2  H N N 103 
GLN HG3  H N N 104 
GLN HE21 H N N 105 
GLN HE22 H N N 106 
GLN HXT  H N N 107 
GLU N    N N N 108 
GLU CA   C N S 109 
GLU C    C N N 110 
GLU O    O N N 111 
GLU CB   C N N 112 
GLU CG   C N N 113 
GLU CD   C N N 114 
GLU OE1  O N N 115 
GLU OE2  O N N 116 
GLU OXT  O N N 117 
GLU H    H N N 118 
GLU H2   H N N 119 
GLU HA   H N N 120 
GLU HB2  H N N 121 
GLU HB3  H N N 122 
GLU HG2  H N N 123 
GLU HG3  H N N 124 
GLU HE2  H N N 125 
GLU HXT  H N N 126 
GLY N    N N N 127 
GLY CA   C N N 128 
GLY C    C N N 129 
GLY O    O N N 130 
GLY OXT  O N N 131 
GLY H    H N N 132 
GLY H2   H N N 133 
GLY HA2  H N N 134 
GLY HA3  H N N 135 
GLY HXT  H N N 136 
HIS N    N N N 137 
HIS CA   C N S 138 
HIS C    C N N 139 
HIS O    O N N 140 
HIS CB   C N N 141 
HIS CG   C Y N 142 
HIS ND1  N Y N 143 
HIS CD2  C Y N 144 
HIS CE1  C Y N 145 
HIS NE2  N Y N 146 
HIS OXT  O N N 147 
HIS H    H N N 148 
HIS H2   H N N 149 
HIS HA   H N N 150 
HIS HB2  H N N 151 
HIS HB3  H N N 152 
HIS HD1  H N N 153 
HIS HD2  H N N 154 
HIS HE1  H N N 155 
HIS HE2  H N N 156 
HIS HXT  H N N 157 
LEU N    N N N 158 
LEU CA   C N S 159 
LEU C    C N N 160 
LEU O    O N N 161 
LEU CB   C N N 162 
LEU CG   C N N 163 
LEU CD1  C N N 164 
LEU CD2  C N N 165 
LEU OXT  O N N 166 
LEU H    H N N 167 
LEU H2   H N N 168 
LEU HA   H N N 169 
LEU HB2  H N N 170 
LEU HB3  H N N 171 
LEU HG   H N N 172 
LEU HD11 H N N 173 
LEU HD12 H N N 174 
LEU HD13 H N N 175 
LEU HD21 H N N 176 
LEU HD22 H N N 177 
LEU HD23 H N N 178 
LEU HXT  H N N 179 
LYS N    N N N 180 
LYS CA   C N S 181 
LYS C    C N N 182 
LYS O    O N N 183 
LYS CB   C N N 184 
LYS CG   C N N 185 
LYS CD   C N N 186 
LYS CE   C N N 187 
LYS NZ   N N N 188 
LYS OXT  O N N 189 
LYS H    H N N 190 
LYS H2   H N N 191 
LYS HA   H N N 192 
LYS HB2  H N N 193 
LYS HB3  H N N 194 
LYS HG2  H N N 195 
LYS HG3  H N N 196 
LYS HD2  H N N 197 
LYS HD3  H N N 198 
LYS HE2  H N N 199 
LYS HE3  H N N 200 
LYS HZ1  H N N 201 
LYS HZ2  H N N 202 
LYS HZ3  H N N 203 
LYS HXT  H N N 204 
MET N    N N N 205 
MET CA   C N S 206 
MET C    C N N 207 
MET O    O N N 208 
MET CB   C N N 209 
MET CG   C N N 210 
MET SD   S N N 211 
MET CE   C N N 212 
MET OXT  O N N 213 
MET H    H N N 214 
MET H2   H N N 215 
MET HA   H N N 216 
MET HB2  H N N 217 
MET HB3  H N N 218 
MET HG2  H N N 219 
MET HG3  H N N 220 
MET HE1  H N N 221 
MET HE2  H N N 222 
MET HE3  H N N 223 
MET HXT  H N N 224 
PHE N    N N N 225 
PHE CA   C N S 226 
PHE C    C N N 227 
PHE O    O N N 228 
PHE CB   C N N 229 
PHE CG   C Y N 230 
PHE CD1  C Y N 231 
PHE CD2  C Y N 232 
PHE CE1  C Y N 233 
PHE CE2  C Y N 234 
PHE CZ   C Y N 235 
PHE OXT  O N N 236 
PHE H    H N N 237 
PHE H2   H N N 238 
PHE HA   H N N 239 
PHE HB2  H N N 240 
PHE HB3  H N N 241 
PHE HD1  H N N 242 
PHE HD2  H N N 243 
PHE HE1  H N N 244 
PHE HE2  H N N 245 
PHE HZ   H N N 246 
PHE HXT  H N N 247 
PRO N    N N N 248 
PRO CA   C N S 249 
PRO C    C N N 250 
PRO O    O N N 251 
PRO CB   C N N 252 
PRO CG   C N N 253 
PRO CD   C N N 254 
PRO OXT  O N N 255 
PRO H    H N N 256 
PRO HA   H N N 257 
PRO HB2  H N N 258 
PRO HB3  H N N 259 
PRO HG2  H N N 260 
PRO HG3  H N N 261 
PRO HD2  H N N 262 
PRO HD3  H N N 263 
PRO HXT  H N N 264 
SER N    N N N 265 
SER CA   C N S 266 
SER C    C N N 267 
SER O    O N N 268 
SER CB   C N N 269 
SER OG   O N N 270 
SER OXT  O N N 271 
SER H    H N N 272 
SER H2   H N N 273 
SER HA   H N N 274 
SER HB2  H N N 275 
SER HB3  H N N 276 
SER HG   H N N 277 
SER HXT  H N N 278 
THR N    N N N 279 
THR CA   C N S 280 
THR C    C N N 281 
THR O    O N N 282 
THR CB   C N R 283 
THR OG1  O N N 284 
THR CG2  C N N 285 
THR OXT  O N N 286 
THR H    H N N 287 
THR H2   H N N 288 
THR HA   H N N 289 
THR HB   H N N 290 
THR HG1  H N N 291 
THR HG21 H N N 292 
THR HG22 H N N 293 
THR HG23 H N N 294 
THR HXT  H N N 295 
TYR N    N N N 296 
TYR CA   C N S 297 
TYR C    C N N 298 
TYR O    O N N 299 
TYR CB   C N N 300 
TYR CG   C Y N 301 
TYR CD1  C Y N 302 
TYR CD2  C Y N 303 
TYR CE1  C Y N 304 
TYR CE2  C Y N 305 
TYR CZ   C Y N 306 
TYR OH   O N N 307 
TYR OXT  O N N 308 
TYR H    H N N 309 
TYR H2   H N N 310 
TYR HA   H N N 311 
TYR HB2  H N N 312 
TYR HB3  H N N 313 
TYR HD1  H N N 314 
TYR HD2  H N N 315 
TYR HE1  H N N 316 
TYR HE2  H N N 317 
TYR HH   H N N 318 
TYR HXT  H N N 319 
VAL N    N N N 320 
VAL CA   C N S 321 
VAL C    C N N 322 
VAL O    O N N 323 
VAL CB   C N N 324 
VAL CG1  C N N 325 
VAL CG2  C N N 326 
VAL OXT  O N N 327 
VAL H    H N N 328 
VAL H2   H N N 329 
VAL HA   H N N 330 
VAL HB   H N N 331 
VAL HG11 H N N 332 
VAL HG12 H N N 333 
VAL HG13 H N N 334 
VAL HG21 H N N 335 
VAL HG22 H N N 336 
VAL HG23 H N N 337 
VAL HXT  H N N 338 
# 
loop_
_chem_comp_bond.comp_id 
_chem_comp_bond.atom_id_1 
_chem_comp_bond.atom_id_2 
_chem_comp_bond.value_order 
_chem_comp_bond.pdbx_aromatic_flag 
_chem_comp_bond.pdbx_stereo_config 
_chem_comp_bond.pdbx_ordinal 
ALA N   CA   sing N N 1   
ALA N   H    sing N N 2   
ALA N   H2   sing N N 3   
ALA CA  C    sing N N 4   
ALA CA  CB   sing N N 5   
ALA CA  HA   sing N N 6   
ALA C   O    doub N N 7   
ALA C   OXT  sing N N 8   
ALA CB  HB1  sing N N 9   
ALA CB  HB2  sing N N 10  
ALA CB  HB3  sing N N 11  
ALA OXT HXT  sing N N 12  
ARG N   CA   sing N N 13  
ARG N   H    sing N N 14  
ARG N   H2   sing N N 15  
ARG CA  C    sing N N 16  
ARG CA  CB   sing N N 17  
ARG CA  HA   sing N N 18  
ARG C   O    doub N N 19  
ARG C   OXT  sing N N 20  
ARG CB  CG   sing N N 21  
ARG CB  HB2  sing N N 22  
ARG CB  HB3  sing N N 23  
ARG CG  CD   sing N N 24  
ARG CG  HG2  sing N N 25  
ARG CG  HG3  sing N N 26  
ARG CD  NE   sing N N 27  
ARG CD  HD2  sing N N 28  
ARG CD  HD3  sing N N 29  
ARG NE  CZ   sing N N 30  
ARG NE  HE   sing N N 31  
ARG CZ  NH1  sing N N 32  
ARG CZ  NH2  doub N N 33  
ARG NH1 HH11 sing N N 34  
ARG NH1 HH12 sing N N 35  
ARG NH2 HH21 sing N N 36  
ARG NH2 HH22 sing N N 37  
ARG OXT HXT  sing N N 38  
ASN N   CA   sing N N 39  
ASN N   H    sing N N 40  
ASN N   H2   sing N N 41  
ASN CA  C    sing N N 42  
ASN CA  CB   sing N N 43  
ASN CA  HA   sing N N 44  
ASN C   O    doub N N 45  
ASN C   OXT  sing N N 46  
ASN CB  CG   sing N N 47  
ASN CB  HB2  sing N N 48  
ASN CB  HB3  sing N N 49  
ASN CG  OD1  doub N N 50  
ASN CG  ND2  sing N N 51  
ASN ND2 HD21 sing N N 52  
ASN ND2 HD22 sing N N 53  
ASN OXT HXT  sing N N 54  
ASP N   CA   sing N N 55  
ASP N   H    sing N N 56  
ASP N   H2   sing N N 57  
ASP CA  C    sing N N 58  
ASP CA  CB   sing N N 59  
ASP CA  HA   sing N N 60  
ASP C   O    doub N N 61  
ASP C   OXT  sing N N 62  
ASP CB  CG   sing N N 63  
ASP CB  HB2  sing N N 64  
ASP CB  HB3  sing N N 65  
ASP CG  OD1  doub N N 66  
ASP CG  OD2  sing N N 67  
ASP OD2 HD2  sing N N 68  
ASP OXT HXT  sing N N 69  
CYS N   CA   sing N N 70  
CYS N   H    sing N N 71  
CYS N   H2   sing N N 72  
CYS CA  C    sing N N 73  
CYS CA  CB   sing N N 74  
CYS CA  HA   sing N N 75  
CYS C   O    doub N N 76  
CYS C   OXT  sing N N 77  
CYS CB  SG   sing N N 78  
CYS CB  HB2  sing N N 79  
CYS CB  HB3  sing N N 80  
CYS SG  HG   sing N N 81  
CYS OXT HXT  sing N N 82  
GLN N   CA   sing N N 83  
GLN N   H    sing N N 84  
GLN N   H2   sing N N 85  
GLN CA  C    sing N N 86  
GLN CA  CB   sing N N 87  
GLN CA  HA   sing N N 88  
GLN C   O    doub N N 89  
GLN C   OXT  sing N N 90  
GLN CB  CG   sing N N 91  
GLN CB  HB2  sing N N 92  
GLN CB  HB3  sing N N 93  
GLN CG  CD   sing N N 94  
GLN CG  HG2  sing N N 95  
GLN CG  HG3  sing N N 96  
GLN CD  OE1  doub N N 97  
GLN CD  NE2  sing N N 98  
GLN NE2 HE21 sing N N 99  
GLN NE2 HE22 sing N N 100 
GLN OXT HXT  sing N N 101 
GLU N   CA   sing N N 102 
GLU N   H    sing N N 103 
GLU N   H2   sing N N 104 
GLU CA  C    sing N N 105 
GLU CA  CB   sing N N 106 
GLU CA  HA   sing N N 107 
GLU C   O    doub N N 108 
GLU C   OXT  sing N N 109 
GLU CB  CG   sing N N 110 
GLU CB  HB2  sing N N 111 
GLU CB  HB3  sing N N 112 
GLU CG  CD   sing N N 113 
GLU CG  HG2  sing N N 114 
GLU CG  HG3  sing N N 115 
GLU CD  OE1  doub N N 116 
GLU CD  OE2  sing N N 117 
GLU OE2 HE2  sing N N 118 
GLU OXT HXT  sing N N 119 
GLY N   CA   sing N N 120 
GLY N   H    sing N N 121 
GLY N   H2   sing N N 122 
GLY CA  C    sing N N 123 
GLY CA  HA2  sing N N 124 
GLY CA  HA3  sing N N 125 
GLY C   O    doub N N 126 
GLY C   OXT  sing N N 127 
GLY OXT HXT  sing N N 128 
HIS N   CA   sing N N 129 
HIS N   H    sing N N 130 
HIS N   H2   sing N N 131 
HIS CA  C    sing N N 132 
HIS CA  CB   sing N N 133 
HIS CA  HA   sing N N 134 
HIS C   O    doub N N 135 
HIS C   OXT  sing N N 136 
HIS CB  CG   sing N N 137 
HIS CB  HB2  sing N N 138 
HIS CB  HB3  sing N N 139 
HIS CG  ND1  sing Y N 140 
HIS CG  CD2  doub Y N 141 
HIS ND1 CE1  doub Y N 142 
HIS ND1 HD1  sing N N 143 
HIS CD2 NE2  sing Y N 144 
HIS CD2 HD2  sing N N 145 
HIS CE1 NE2  sing Y N 146 
HIS CE1 HE1  sing N N 147 
HIS NE2 HE2  sing N N 148 
HIS OXT HXT  sing N N 149 
LEU N   CA   sing N N 150 
LEU N   H    sing N N 151 
LEU N   H2   sing N N 152 
LEU CA  C    sing N N 153 
LEU CA  CB   sing N N 154 
LEU CA  HA   sing N N 155 
LEU C   O    doub N N 156 
LEU C   OXT  sing N N 157 
LEU CB  CG   sing N N 158 
LEU CB  HB2  sing N N 159 
LEU CB  HB3  sing N N 160 
LEU CG  CD1  sing N N 161 
LEU CG  CD2  sing N N 162 
LEU CG  HG   sing N N 163 
LEU CD1 HD11 sing N N 164 
LEU CD1 HD12 sing N N 165 
LEU CD1 HD13 sing N N 166 
LEU CD2 HD21 sing N N 167 
LEU CD2 HD22 sing N N 168 
LEU CD2 HD23 sing N N 169 
LEU OXT HXT  sing N N 170 
LYS N   CA   sing N N 171 
LYS N   H    sing N N 172 
LYS N   H2   sing N N 173 
LYS CA  C    sing N N 174 
LYS CA  CB   sing N N 175 
LYS CA  HA   sing N N 176 
LYS C   O    doub N N 177 
LYS C   OXT  sing N N 178 
LYS CB  CG   sing N N 179 
LYS CB  HB2  sing N N 180 
LYS CB  HB3  sing N N 181 
LYS CG  CD   sing N N 182 
LYS CG  HG2  sing N N 183 
LYS CG  HG3  sing N N 184 
LYS CD  CE   sing N N 185 
LYS CD  HD2  sing N N 186 
LYS CD  HD3  sing N N 187 
LYS CE  NZ   sing N N 188 
LYS CE  HE2  sing N N 189 
LYS CE  HE3  sing N N 190 
LYS NZ  HZ1  sing N N 191 
LYS NZ  HZ2  sing N N 192 
LYS NZ  HZ3  sing N N 193 
LYS OXT HXT  sing N N 194 
MET N   CA   sing N N 195 
MET N   H    sing N N 196 
MET N   H2   sing N N 197 
MET CA  C    sing N N 198 
MET CA  CB   sing N N 199 
MET CA  HA   sing N N 200 
MET C   O    doub N N 201 
MET C   OXT  sing N N 202 
MET CB  CG   sing N N 203 
MET CB  HB2  sing N N 204 
MET CB  HB3  sing N N 205 
MET CG  SD   sing N N 206 
MET CG  HG2  sing N N 207 
MET CG  HG3  sing N N 208 
MET SD  CE   sing N N 209 
MET CE  HE1  sing N N 210 
MET CE  HE2  sing N N 211 
MET CE  HE3  sing N N 212 
MET OXT HXT  sing N N 213 
PHE N   CA   sing N N 214 
PHE N   H    sing N N 215 
PHE N   H2   sing N N 216 
PHE CA  C    sing N N 217 
PHE CA  CB   sing N N 218 
PHE CA  HA   sing N N 219 
PHE C   O    doub N N 220 
PHE C   OXT  sing N N 221 
PHE CB  CG   sing N N 222 
PHE CB  HB2  sing N N 223 
PHE CB  HB3  sing N N 224 
PHE CG  CD1  doub Y N 225 
PHE CG  CD2  sing Y N 226 
PHE CD1 CE1  sing Y N 227 
PHE CD1 HD1  sing N N 228 
PHE CD2 CE2  doub Y N 229 
PHE CD2 HD2  sing N N 230 
PHE CE1 CZ   doub Y N 231 
PHE CE1 HE1  sing N N 232 
PHE CE2 CZ   sing Y N 233 
PHE CE2 HE2  sing N N 234 
PHE CZ  HZ   sing N N 235 
PHE OXT HXT  sing N N 236 
PRO N   CA   sing N N 237 
PRO N   CD   sing N N 238 
PRO N   H    sing N N 239 
PRO CA  C    sing N N 240 
PRO CA  CB   sing N N 241 
PRO CA  HA   sing N N 242 
PRO C   O    doub N N 243 
PRO C   OXT  sing N N 244 
PRO CB  CG   sing N N 245 
PRO CB  HB2  sing N N 246 
PRO CB  HB3  sing N N 247 
PRO CG  CD   sing N N 248 
PRO CG  HG2  sing N N 249 
PRO CG  HG3  sing N N 250 
PRO CD  HD2  sing N N 251 
PRO CD  HD3  sing N N 252 
PRO OXT HXT  sing N N 253 
SER N   CA   sing N N 254 
SER N   H    sing N N 255 
SER N   H2   sing N N 256 
SER CA  C    sing N N 257 
SER CA  CB   sing N N 258 
SER CA  HA   sing N N 259 
SER C   O    doub N N 260 
SER C   OXT  sing N N 261 
SER CB  OG   sing N N 262 
SER CB  HB2  sing N N 263 
SER CB  HB3  sing N N 264 
SER OG  HG   sing N N 265 
SER OXT HXT  sing N N 266 
THR N   CA   sing N N 267 
THR N   H    sing N N 268 
THR N   H2   sing N N 269 
THR CA  C    sing N N 270 
THR CA  CB   sing N N 271 
THR CA  HA   sing N N 272 
THR C   O    doub N N 273 
THR C   OXT  sing N N 274 
THR CB  OG1  sing N N 275 
THR CB  CG2  sing N N 276 
THR CB  HB   sing N N 277 
THR OG1 HG1  sing N N 278 
THR CG2 HG21 sing N N 279 
THR CG2 HG22 sing N N 280 
THR CG2 HG23 sing N N 281 
THR OXT HXT  sing N N 282 
TYR N   CA   sing N N 283 
TYR N   H    sing N N 284 
TYR N   H2   sing N N 285 
TYR CA  C    sing N N 286 
TYR CA  CB   sing N N 287 
TYR CA  HA   sing N N 288 
TYR C   O    doub N N 289 
TYR C   OXT  sing N N 290 
TYR CB  CG   sing N N 291 
TYR CB  HB2  sing N N 292 
TYR CB  HB3  sing N N 293 
TYR CG  CD1  doub Y N 294 
TYR CG  CD2  sing Y N 295 
TYR CD1 CE1  sing Y N 296 
TYR CD1 HD1  sing N N 297 
TYR CD2 CE2  doub Y N 298 
TYR CD2 HD2  sing N N 299 
TYR CE1 CZ   doub Y N 300 
TYR CE1 HE1  sing N N 301 
TYR CE2 CZ   sing Y N 302 
TYR CE2 HE2  sing N N 303 
TYR CZ  OH   sing N N 304 
TYR OH  HH   sing N N 305 
TYR OXT HXT  sing N N 306 
VAL N   CA   sing N N 307 
VAL N   H    sing N N 308 
VAL N   H2   sing N N 309 
VAL CA  C    sing N N 310 
VAL CA  CB   sing N N 311 
VAL CA  HA   sing N N 312 
VAL C   O    doub N N 313 
VAL C   OXT  sing N N 314 
VAL CB  CG1  sing N N 315 
VAL CB  CG2  sing N N 316 
VAL CB  HB   sing N N 317 
VAL CG1 HG11 sing N N 318 
VAL CG1 HG12 sing N N 319 
VAL CG1 HG13 sing N N 320 
VAL CG2 HG21 sing N N 321 
VAL CG2 HG22 sing N N 322 
VAL CG2 HG23 sing N N 323 
VAL OXT HXT  sing N N 324 
# 
_atom_sites.entry_id                    1HAF 
_atom_sites.fract_transf_matrix[1][1]   1.000000 
_atom_sites.fract_transf_matrix[1][2]   0.000000 
_atom_sites.fract_transf_matrix[1][3]   0.000000 
_atom_sites.fract_transf_matrix[2][1]   0.000000 
_atom_sites.fract_transf_matrix[2][2]   1.000000 
_atom_sites.fract_transf_matrix[2][3]   0.000000 
_atom_sites.fract_transf_matrix[3][1]   0.000000 
_atom_sites.fract_transf_matrix[3][2]   0.000000 
_atom_sites.fract_transf_matrix[3][3]   1.000000 
_atom_sites.fract_transf_vector[1]      0.00000 
_atom_sites.fract_transf_vector[2]      0.00000 
_atom_sites.fract_transf_vector[3]      0.00000 
# 
loop_
_atom_type.symbol 
C 
H 
N 
O 
S 
# 
loop_
_atom_site.group_PDB 
_atom_site.id 
_atom_site.type_symbol 
_atom_site.label_atom_id 
_atom_site.label_alt_id 
_atom_site.label_comp_id 
_atom_site.label_asym_id 
_atom_site.label_entity_id 
_atom_site.label_seq_id 
_atom_site.pdbx_PDB_ins_code 
_atom_site.Cartn_x 
_atom_site.Cartn_y 
_atom_site.Cartn_z 
_atom_site.occupancy 
_atom_site.B_iso_or_equiv 
_atom_site.pdbx_formal_charge 
_atom_site.auth_seq_id 
_atom_site.auth_comp_id 
_atom_site.auth_asym_id 
_atom_site.auth_atom_id 
_atom_site.pdbx_PDB_model_num 
ATOM 1   N N    . SER A 1 1  ? -1.107  11.011  17.585  1.00 0.00 ? 1  SER A N    1 
ATOM 2   C CA   . SER A 1 1  ? -0.802  9.850   16.727  1.00 0.00 ? 1  SER A CA   1 
ATOM 3   C C    . SER A 1 1  ? -1.838  9.686   15.610  1.00 0.00 ? 1  SER A C    1 
ATOM 4   O O    . SER A 1 1  ? -2.288  8.573   15.336  1.00 0.00 ? 1  SER A O    1 
ATOM 5   C CB   . SER A 1 1  ? -0.670  8.578   17.574  1.00 0.00 ? 1  SER A CB   1 
ATOM 6   O OG   . SER A 1 1  ? 0.351   8.732   18.539  1.00 0.00 ? 1  SER A OG   1 
ATOM 7   H H1   . SER A 1 1  ? -2.036  10.915  17.971  1.00 0.00 ? 1  SER A H1   1 
ATOM 8   H H2   . SER A 1 1  ? -0.432  11.060  18.333  1.00 0.00 ? 1  SER A H2   1 
ATOM 9   H H3   . SER A 1 1  ? -1.052  11.856  17.033  1.00 0.00 ? 1  SER A H3   1 
ATOM 10  H HA   . SER A 1 1  ? 0.161   10.035  16.252  1.00 0.00 ? 1  SER A HA   1 
ATOM 11  H HB2  . SER A 1 1  ? -1.615  8.366   18.078  1.00 0.00 ? 1  SER A HB2  1 
ATOM 12  H HB3  . SER A 1 1  ? -0.413  7.729   16.940  1.00 0.00 ? 1  SER A HB3  1 
ATOM 13  H HG   . SER A 1 1  ? 0.087   9.412   19.164  1.00 0.00 ? 1  SER A HG   1 
ATOM 14  N N    . HIS A 1 2  ? -2.221  10.797  14.966  1.00 0.00 ? 2  HIS A N    1 
ATOM 15  C CA   . HIS A 1 2  ? -3.242  10.804  13.926  1.00 0.00 ? 2  HIS A CA   1 
ATOM 16  C C    . HIS A 1 2  ? -2.615  10.428  12.582  1.00 0.00 ? 2  HIS A C    1 
ATOM 17  O O    . HIS A 1 2  ? -1.436  10.683  12.356  1.00 0.00 ? 2  HIS A O    1 
ATOM 18  C CB   . HIS A 1 2  ? -3.910  12.185  13.868  1.00 0.00 ? 2  HIS A CB   1 
ATOM 19  C CG   . HIS A 1 2  ? -5.265  12.179  13.201  1.00 0.00 ? 2  HIS A CG   1 
ATOM 20  N ND1  . HIS A 1 2  ? -6.435  12.412  13.910  1.00 0.00 ? 2  HIS A ND1  1 
ATOM 21  C CD2  . HIS A 1 2  ? -5.670  11.972  11.903  1.00 0.00 ? 2  HIS A CD2  1 
ATOM 22  C CE1  . HIS A 1 2  ? -7.455  12.337  13.039  1.00 0.00 ? 2  HIS A CE1  1 
ATOM 23  N NE2  . HIS A 1 2  ? -7.054  12.071  11.794  1.00 0.00 ? 2  HIS A NE2  1 
ATOM 24  H H    . HIS A 1 2  ? -1.786  11.676  15.207  1.00 0.00 ? 2  HIS A H    1 
ATOM 25  H HA   . HIS A 1 2  ? -4.009  10.072  14.187  1.00 0.00 ? 2  HIS A HA   1 
ATOM 26  H HB2  . HIS A 1 2  ? -4.049  12.545  14.889  1.00 0.00 ? 2  HIS A HB2  1 
ATOM 27  H HB3  . HIS A 1 2  ? -3.255  12.887  13.350  1.00 0.00 ? 2  HIS A HB3  1 
ATOM 28  H HD1  . HIS A 1 2  ? -6.508  12.602  14.899  1.00 0.00 ? 2  HIS A HD1  1 
ATOM 29  H HD2  . HIS A 1 2  ? -5.013  11.754  11.075  1.00 0.00 ? 2  HIS A HD2  1 
ATOM 30  H HE1  . HIS A 1 2  ? -8.490  12.477  13.315  1.00 0.00 ? 2  HIS A HE1  1 
ATOM 31  N N    . LEU A 1 3  ? -3.409  9.833   11.687  1.00 0.00 ? 3  LEU A N    1 
ATOM 32  C CA   . LEU A 1 3  ? -2.956  9.378   10.383  1.00 0.00 ? 3  LEU A CA   1 
ATOM 33  C C    . LEU A 1 3  ? -3.104  10.517  9.378   1.00 0.00 ? 3  LEU A C    1 
ATOM 34  O O    . LEU A 1 3  ? -4.130  10.636  8.711   1.00 0.00 ? 3  LEU A O    1 
ATOM 35  C CB   . LEU A 1 3  ? -3.782  8.159   9.952   1.00 0.00 ? 3  LEU A CB   1 
ATOM 36  C CG   . LEU A 1 3  ? -3.776  7.015   10.975  1.00 0.00 ? 3  LEU A CG   1 
ATOM 37  C CD1  . LEU A 1 3  ? -4.587  5.856   10.394  1.00 0.00 ? 3  LEU A CD1  1 
ATOM 38  C CD2  . LEU A 1 3  ? -2.351  6.561   11.306  1.00 0.00 ? 3  LEU A CD2  1 
ATOM 39  H H    . LEU A 1 3  ? -4.377  9.677   11.923  1.00 0.00 ? 3  LEU A H    1 
ATOM 40  H HA   . LEU A 1 3  ? -1.909  9.079   10.421  1.00 0.00 ? 3  LEU A HA   1 
ATOM 41  H HB2  . LEU A 1 3  ? -4.819  8.460   9.795   1.00 0.00 ? 3  LEU A HB2  1 
ATOM 42  H HB3  . LEU A 1 3  ? -3.379  7.797   9.005   1.00 0.00 ? 3  LEU A HB3  1 
ATOM 43  H HG   . LEU A 1 3  ? -4.262  7.336   11.897  1.00 0.00 ? 3  LEU A HG   1 
ATOM 44  H HD11 . LEU A 1 3  ? -4.140  5.524   9.456   1.00 0.00 ? 3  LEU A HD11 1 
ATOM 45  H HD12 . LEU A 1 3  ? -4.609  5.026   11.101  1.00 0.00 ? 3  LEU A HD12 1 
ATOM 46  H HD13 . LEU A 1 3  ? -5.609  6.186   10.203  1.00 0.00 ? 3  LEU A HD13 1 
ATOM 47  H HD21 . LEU A 1 3  ? -1.805  6.354   10.385  1.00 0.00 ? 3  LEU A HD21 1 
ATOM 48  H HD22 . LEU A 1 3  ? -1.830  7.335   11.869  1.00 0.00 ? 3  LEU A HD22 1 
ATOM 49  H HD23 . LEU A 1 3  ? -2.385  5.660   11.918  1.00 0.00 ? 3  LEU A HD23 1 
ATOM 50  N N    . VAL A 1 4  ? -2.067  11.356  9.275   1.00 0.00 ? 4  VAL A N    1 
ATOM 51  C CA   . VAL A 1 4  ? -2.041  12.472  8.339   1.00 0.00 ? 4  VAL A CA   1 
ATOM 52  C C    . VAL A 1 4  ? -1.446  11.978  7.024   1.00 0.00 ? 4  VAL A C    1 
ATOM 53  O O    . VAL A 1 4  ? -0.462  11.242  7.033   1.00 0.00 ? 4  VAL A O    1 
ATOM 54  C CB   . VAL A 1 4  ? -1.278  13.670  8.934   1.00 0.00 ? 4  VAL A CB   1 
ATOM 55  C CG1  . VAL A 1 4  ? 0.225   13.417  9.112   1.00 0.00 ? 4  VAL A CG1  1 
ATOM 56  C CG2  . VAL A 1 4  ? -1.481  14.921  8.073   1.00 0.00 ? 4  VAL A CG2  1 
ATOM 57  H H    . VAL A 1 4  ? -1.238  11.166  9.822   1.00 0.00 ? 4  VAL A H    1 
ATOM 58  H HA   . VAL A 1 4  ? -3.066  12.802  8.157   1.00 0.00 ? 4  VAL A HA   1 
ATOM 59  H HB   . VAL A 1 4  ? -1.709  13.876  9.915   1.00 0.00 ? 4  VAL A HB   1 
ATOM 60  H HG11 . VAL A 1 4  ? 0.392   12.516  9.699   1.00 0.00 ? 4  VAL A HG11 1 
ATOM 61  H HG12 . VAL A 1 4  ? 0.715   13.310  8.144   1.00 0.00 ? 4  VAL A HG12 1 
ATOM 62  H HG13 . VAL A 1 4  ? 0.674   14.261  9.637   1.00 0.00 ? 4  VAL A HG13 1 
ATOM 63  H HG21 . VAL A 1 4  ? -2.546  15.129  7.963   1.00 0.00 ? 4  VAL A HG21 1 
ATOM 64  H HG22 . VAL A 1 4  ? -1.006  15.777  8.555   1.00 0.00 ? 4  VAL A HG22 1 
ATOM 65  H HG23 . VAL A 1 4  ? -1.038  14.781  7.086   1.00 0.00 ? 4  VAL A HG23 1 
ATOM 66  N N    . LYS A 1 5  ? -2.057  12.360  5.897   1.00 0.00 ? 5  LYS A N    1 
ATOM 67  C CA   . LYS A 1 5  ? -1.661  11.875  4.587   1.00 0.00 ? 5  LYS A CA   1 
ATOM 68  C C    . LYS A 1 5  ? -0.239  12.332  4.255   1.00 0.00 ? 5  LYS A C    1 
ATOM 69  O O    . LYS A 1 5  ? 0.122   13.480  4.512   1.00 0.00 ? 5  LYS A O    1 
ATOM 70  C CB   . LYS A 1 5  ? -2.679  12.328  3.536   1.00 0.00 ? 5  LYS A CB   1 
ATOM 71  C CG   . LYS A 1 5  ? -2.500  11.525  2.245   1.00 0.00 ? 5  LYS A CG   1 
ATOM 72  C CD   . LYS A 1 5  ? -3.575  11.892  1.222   1.00 0.00 ? 5  LYS A CD   1 
ATOM 73  C CE   . LYS A 1 5  ? -3.425  10.988  -0.003  1.00 0.00 ? 5  LYS A CE   1 
ATOM 74  N NZ   . LYS A 1 5  ? -4.427  11.305  -1.033  1.00 0.00 ? 5  LYS A NZ   1 
ATOM 75  H H    . LYS A 1 5  ? -2.853  12.977  5.947   1.00 0.00 ? 5  LYS A H    1 
ATOM 76  H HA   . LYS A 1 5  ? -1.687  10.787  4.624   1.00 0.00 ? 5  LYS A HA   1 
ATOM 77  H HB2  . LYS A 1 5  ? -3.685  12.144  3.917   1.00 0.00 ? 5  LYS A HB2  1 
ATOM 78  H HB3  . LYS A 1 5  ? -2.565  13.395  3.337   1.00 0.00 ? 5  LYS A HB3  1 
ATOM 79  H HG2  . LYS A 1 5  ? -1.516  11.721  1.817   1.00 0.00 ? 5  LYS A HG2  1 
ATOM 80  H HG3  . LYS A 1 5  ? -2.583  10.462  2.476   1.00 0.00 ? 5  LYS A HG3  1 
ATOM 81  H HD2  . LYS A 1 5  ? -4.564  11.746  1.659   1.00 0.00 ? 5  LYS A HD2  1 
ATOM 82  H HD3  . LYS A 1 5  ? -3.461  12.937  0.930   1.00 0.00 ? 5  LYS A HD3  1 
ATOM 83  H HE2  . LYS A 1 5  ? -2.428  11.119  -0.424  1.00 0.00 ? 5  LYS A HE2  1 
ATOM 84  H HE3  . LYS A 1 5  ? -3.548  9.949   0.304   1.00 0.00 ? 5  LYS A HE3  1 
ATOM 85  H HZ1  . LYS A 1 5  ? -5.354  11.178  -0.653  1.00 0.00 ? 5  LYS A HZ1  1 
ATOM 86  H HZ2  . LYS A 1 5  ? -4.314  12.265  -1.329  1.00 0.00 ? 5  LYS A HZ2  1 
ATOM 87  H HZ3  . LYS A 1 5  ? -4.302  10.692  -1.825  1.00 0.00 ? 5  LYS A HZ3  1 
ATOM 88  N N    . CYS A 1 6  ? 0.563   11.421  3.693   1.00 0.00 ? 6  CYS A N    1 
ATOM 89  C CA   . CYS A 1 6  ? 1.950   11.679  3.336   1.00 0.00 ? 6  CYS A CA   1 
ATOM 90  C C    . CYS A 1 6  ? 2.037   12.777  2.276   1.00 0.00 ? 6  CYS A C    1 
ATOM 91  O O    . CYS A 1 6  ? 1.225   12.810  1.350   1.00 0.00 ? 6  CYS A O    1 
ATOM 92  C CB   . CYS A 1 6  ? 2.577   10.395  2.785   1.00 0.00 ? 6  CYS A CB   1 
ATOM 93  S SG   . CYS A 1 6  ? 2.569   8.984   3.915   1.00 0.00 ? 6  CYS A SG   1 
ATOM 94  H H    . CYS A 1 6  ? 0.191   10.499  3.506   1.00 0.00 ? 6  CYS A H    1 
ATOM 95  H HA   . CYS A 1 6  ? 2.495   11.980  4.233   1.00 0.00 ? 6  CYS A HA   1 
ATOM 96  H HB2  . CYS A 1 6  ? 2.017   10.110  1.895   1.00 0.00 ? 6  CYS A HB2  1 
ATOM 97  H HB3  . CYS A 1 6  ? 3.606   10.589  2.493   1.00 0.00 ? 6  CYS A HB3  1 
ATOM 98  N N    . ALA A 1 7  ? 3.026   13.671  2.406   1.00 0.00 ? 7  ALA A N    1 
ATOM 99  C CA   . ALA A 1 7  ? 3.302   14.701  1.410   1.00 0.00 ? 7  ALA A CA   1 
ATOM 100 C C    . ALA A 1 7  ? 3.750   14.020  0.115   1.00 0.00 ? 7  ALA A C    1 
ATOM 101 O O    . ALA A 1 7  ? 4.161   12.866  0.155   1.00 0.00 ? 7  ALA A O    1 
ATOM 102 C CB   . ALA A 1 7  ? 4.388   15.643  1.935   1.00 0.00 ? 7  ALA A CB   1 
ATOM 103 H H    . ALA A 1 7  ? 3.652   13.599  3.196   1.00 0.00 ? 7  ALA A H    1 
ATOM 104 H HA   . ALA A 1 7  ? 2.392   15.276  1.226   1.00 0.00 ? 7  ALA A HA   1 
ATOM 105 H HB1  . ALA A 1 7  ? 4.056   16.110  2.862   1.00 0.00 ? 7  ALA A HB1  1 
ATOM 106 H HB2  . ALA A 1 7  ? 5.304   15.082  2.125   1.00 0.00 ? 7  ALA A HB2  1 
ATOM 107 H HB3  . ALA A 1 7  ? 4.591   16.420  1.197   1.00 0.00 ? 7  ALA A HB3  1 
ATOM 108 N N    . GLU A 1 8  ? 3.676   14.706  -1.030  1.00 0.00 ? 8  GLU A N    1 
ATOM 109 C CA   . GLU A 1 8  ? 3.976   14.111  -2.331  1.00 0.00 ? 8  GLU A CA   1 
ATOM 110 C C    . GLU A 1 8  ? 5.342   13.419  -2.407  1.00 0.00 ? 8  GLU A C    1 
ATOM 111 O O    . GLU A 1 8  ? 5.453   12.345  -2.993  1.00 0.00 ? 8  GLU A O    1 
ATOM 112 C CB   . GLU A 1 8  ? 3.779   15.132  -3.453  1.00 0.00 ? 8  GLU A CB   1 
ATOM 113 C CG   . GLU A 1 8  ? 4.719   16.343  -3.368  1.00 0.00 ? 8  GLU A CG   1 
ATOM 114 C CD   . GLU A 1 8  ? 4.400   17.356  -4.463  1.00 0.00 ? 8  GLU A CD   1 
ATOM 115 O OE1  . GLU A 1 8  ? 4.976   17.208  -5.562  1.00 0.00 ? 8  GLU A OE1  1 
ATOM 116 O OE2  . GLU A 1 8  ? 3.583   18.260  -4.182  1.00 0.00 ? 8  GLU A OE2  1 
ATOM 117 H H    . GLU A 1 8  ? 3.325   15.650  -1.012  1.00 0.00 ? 8  GLU A H    1 
ATOM 118 H HA   . GLU A 1 8  ? 3.227   13.337  -2.490  1.00 0.00 ? 8  GLU A HA   1 
ATOM 119 H HB2  . GLU A 1 8  ? 3.941   14.614  -4.400  1.00 0.00 ? 8  GLU A HB2  1 
ATOM 120 H HB3  . GLU A 1 8  ? 2.745   15.476  -3.418  1.00 0.00 ? 8  GLU A HB3  1 
ATOM 121 H HG2  . GLU A 1 8  ? 4.615   16.830  -2.399  1.00 0.00 ? 8  GLU A HG2  1 
ATOM 122 H HG3  . GLU A 1 8  ? 5.753   16.020  -3.489  1.00 0.00 ? 8  GLU A HG3  1 
ATOM 123 N N    . LYS A 1 9  ? 6.372   14.022  -1.803  1.00 0.00 ? 9  LYS A N    1 
ATOM 124 C CA   . LYS A 1 9  ? 7.708   13.442  -1.713  1.00 0.00 ? 9  LYS A CA   1 
ATOM 125 C C    . LYS A 1 9  ? 7.709   12.070  -1.015  1.00 0.00 ? 9  LYS A C    1 
ATOM 126 O O    . LYS A 1 9  ? 8.567   11.238  -1.301  1.00 0.00 ? 9  LYS A O    1 
ATOM 127 C CB   . LYS A 1 9  ? 8.666   14.432  -1.030  1.00 0.00 ? 9  LYS A CB   1 
ATOM 128 C CG   . LYS A 1 9  ? 8.153   14.958  0.319   1.00 0.00 ? 9  LYS A CG   1 
ATOM 129 C CD   . LYS A 1 9  ? 9.253   15.748  1.038   1.00 0.00 ? 9  LYS A CD   1 
ATOM 130 C CE   . LYS A 1 9  ? 8.803   16.207  2.430   1.00 0.00 ? 9  LYS A CE   1 
ATOM 131 N NZ   . LYS A 1 9  ? 7.685   17.164  2.365   1.00 0.00 ? 9  LYS A NZ   1 
ATOM 132 H H    . LYS A 1 9  ? 6.212   14.916  -1.366  1.00 0.00 ? 9  LYS A H    1 
ATOM 133 H HA   . LYS A 1 9  ? 8.077   13.286  -2.729  1.00 0.00 ? 9  LYS A HA   1 
ATOM 134 H HB2  . LYS A 1 9  ? 9.626   13.934  -0.886  1.00 0.00 ? 9  LYS A HB2  1 
ATOM 135 H HB3  . LYS A 1 9  ? 8.821   15.285  -1.693  1.00 0.00 ? 9  LYS A HB3  1 
ATOM 136 H HG2  . LYS A 1 9  ? 7.295   15.608  0.159   1.00 0.00 ? 9  LYS A HG2  1 
ATOM 137 H HG3  . LYS A 1 9  ? 7.850   14.125  0.950   1.00 0.00 ? 9  LYS A HG3  1 
ATOM 138 H HD2  . LYS A 1 9  ? 10.129  15.109  1.157   1.00 0.00 ? 9  LYS A HD2  1 
ATOM 139 H HD3  . LYS A 1 9  ? 9.532   16.616  0.439   1.00 0.00 ? 9  LYS A HD3  1 
ATOM 140 H HE2  . LYS A 1 9  ? 8.500   15.342  3.022   1.00 0.00 ? 9  LYS A HE2  1 
ATOM 141 H HE3  . LYS A 1 9  ? 9.642   16.693  2.928   1.00 0.00 ? 9  LYS A HE3  1 
ATOM 142 H HZ1  . LYS A 1 9  ? 7.961   17.969  1.823   1.00 0.00 ? 9  LYS A HZ1  1 
ATOM 143 H HZ2  . LYS A 1 9  ? 6.885   16.725  1.933   1.00 0.00 ? 9  LYS A HZ2  1 
ATOM 144 H HZ3  . LYS A 1 9  ? 7.439   17.458  3.300   1.00 0.00 ? 9  LYS A HZ3  1 
ATOM 145 N N    . GLU A 1 10 ? 6.750   11.843  -0.109  1.00 0.00 ? 10 GLU A N    1 
ATOM 146 C CA   . GLU A 1 10 ? 6.598   10.635  0.688   1.00 0.00 ? 10 GLU A CA   1 
ATOM 147 C C    . GLU A 1 10 ? 5.431   9.759   0.227   1.00 0.00 ? 10 GLU A C    1 
ATOM 148 O O    . GLU A 1 10 ? 5.411   8.590   0.597   1.00 0.00 ? 10 GLU A O    1 
ATOM 149 C CB   . GLU A 1 10 ? 6.349   11.030  2.145   1.00 0.00 ? 10 GLU A CB   1 
ATOM 150 C CG   . GLU A 1 10 ? 7.604   11.568  2.840   1.00 0.00 ? 10 GLU A CG   1 
ATOM 151 C CD   . GLU A 1 10 ? 7.241   12.238  4.163   1.00 0.00 ? 10 GLU A CD   1 
ATOM 152 O OE1  . GLU A 1 10 ? 6.702   13.365  4.097   1.00 0.00 ? 10 GLU A OE1  1 
ATOM 153 O OE2  . GLU A 1 10 ? 7.504   11.616  5.214   1.00 0.00 ? 10 GLU A OE2  1 
ATOM 154 H H    . GLU A 1 10 ? 6.066   12.568  0.051   1.00 0.00 ? 10 GLU A H    1 
ATOM 155 H HA   . GLU A 1 10 ? 7.500   10.015  0.656   1.00 0.00 ? 10 GLU A HA   1 
ATOM 156 H HB2  . GLU A 1 10 ? 5.565   11.787  2.177   1.00 0.00 ? 10 GLU A HB2  1 
ATOM 157 H HB3  . GLU A 1 10 ? 6.002   10.142  2.672   1.00 0.00 ? 10 GLU A HB3  1 
ATOM 158 H HG2  . GLU A 1 10 ? 8.300   10.746  3.011   1.00 0.00 ? 10 GLU A HG2  1 
ATOM 159 H HG3  . GLU A 1 10 ? 8.098   12.303  2.209   1.00 0.00 ? 10 GLU A HG3  1 
ATOM 160 N N    . LYS A 1 11 ? 4.453   10.263  -0.543  1.00 0.00 ? 11 LYS A N    1 
ATOM 161 C CA   . LYS A 1 11 ? 3.286   9.452   -0.887  1.00 0.00 ? 11 LYS A CA   1 
ATOM 162 C C    . LYS A 1 11 ? 3.660   8.244   -1.749  1.00 0.00 ? 11 LYS A C    1 
ATOM 163 O O    . LYS A 1 11 ? 2.923   7.260   -1.792  1.00 0.00 ? 11 LYS A O    1 
ATOM 164 C CB   . LYS A 1 11 ? 2.158   10.299  -1.497  1.00 0.00 ? 11 LYS A CB   1 
ATOM 165 C CG   . LYS A 1 11 ? 2.321   10.574  -2.998  1.00 0.00 ? 11 LYS A CG   1 
ATOM 166 C CD   . LYS A 1 11 ? 1.195   11.463  -3.547  1.00 0.00 ? 11 LYS A CD   1 
ATOM 167 C CE   . LYS A 1 11 ? -0.208  10.857  -3.400  1.00 0.00 ? 11 LYS A CE   1 
ATOM 168 N NZ   . LYS A 1 11 ? -0.310  9.526   -4.023  1.00 0.00 ? 11 LYS A NZ   1 
ATOM 169 H H    . LYS A 1 11 ? 4.481   11.229  -0.852  1.00 0.00 ? 11 LYS A H    1 
ATOM 170 H HA   . LYS A 1 11 ? 2.893   9.058   0.048   1.00 0.00 ? 11 LYS A HA   1 
ATOM 171 H HB2  . LYS A 1 11 ? 1.234   9.744   -1.347  1.00 0.00 ? 11 LYS A HB2  1 
ATOM 172 H HB3  . LYS A 1 11 ? 2.083   11.247  -0.958  1.00 0.00 ? 11 LYS A HB3  1 
ATOM 173 H HG2  . LYS A 1 11 ? 3.272   11.073  -3.165  1.00 0.00 ? 11 LYS A HG2  1 
ATOM 174 H HG3  . LYS A 1 11 ? 2.331   9.637   -3.555  1.00 0.00 ? 11 LYS A HG3  1 
ATOM 175 H HD2  . LYS A 1 11 ? 1.201   12.421  -3.029  1.00 0.00 ? 11 LYS A HD2  1 
ATOM 176 H HD3  . LYS A 1 11 ? 1.387   11.645  -4.605  1.00 0.00 ? 11 LYS A HD3  1 
ATOM 177 H HE2  . LYS A 1 11 ? -0.483  10.786  -2.348  1.00 0.00 ? 11 LYS A HE2  1 
ATOM 178 H HE3  . LYS A 1 11 ? -0.922  11.520  -3.891  1.00 0.00 ? 11 LYS A HE3  1 
ATOM 179 H HZ1  . LYS A 1 11 ? -0.062  9.589   -4.999  1.00 0.00 ? 11 LYS A HZ1  1 
ATOM 180 H HZ2  . LYS A 1 11 ? 0.317   8.886   -3.557  1.00 0.00 ? 11 LYS A HZ2  1 
ATOM 181 H HZ3  . LYS A 1 11 ? -1.258  9.186   -3.938  1.00 0.00 ? 11 LYS A HZ3  1 
ATOM 182 N N    . THR A 1 12 ? 4.816   8.318   -2.417  1.00 0.00 ? 12 THR A N    1 
ATOM 183 C CA   . THR A 1 12 ? 5.360   7.251   -3.241  1.00 0.00 ? 12 THR A CA   1 
ATOM 184 C C    . THR A 1 12 ? 5.957   6.122   -2.398  1.00 0.00 ? 12 THR A C    1 
ATOM 185 O O    . THR A 1 12 ? 6.218   5.045   -2.932  1.00 0.00 ? 12 THR A O    1 
ATOM 186 C CB   . THR A 1 12 ? 6.423   7.831   -4.175  1.00 0.00 ? 12 THR A CB   1 
ATOM 187 O OG1  . THR A 1 12 ? 7.397   8.539   -3.432  1.00 0.00 ? 12 THR A OG1  1 
ATOM 188 C CG2  . THR A 1 12 ? 5.800   8.775   -5.209  1.00 0.00 ? 12 THR A CG2  1 
ATOM 189 H H    . THR A 1 12 ? 5.398   9.135   -2.280  1.00 0.00 ? 12 THR A H    1 
ATOM 190 H HA   . THR A 1 12 ? 4.562   6.826   -3.852  1.00 0.00 ? 12 THR A HA   1 
ATOM 191 H HB   . THR A 1 12 ? 6.896   6.995   -4.690  1.00 0.00 ? 12 THR A HB   1 
ATOM 192 H HG1  . THR A 1 12 ? 7.840   7.929   -2.839  1.00 0.00 ? 12 THR A HG1  1 
ATOM 193 H HG21 . THR A 1 12 ? 5.042   8.245   -5.786  1.00 0.00 ? 12 THR A HG21 1 
ATOM 194 H HG22 . THR A 1 12 ? 5.341   9.633   -4.716  1.00 0.00 ? 12 THR A HG22 1 
ATOM 195 H HG23 . THR A 1 12 ? 6.575   9.132   -5.888  1.00 0.00 ? 12 THR A HG23 1 
ATOM 196 N N    . PHE A 1 13 ? 6.166   6.356   -1.094  1.00 0.00 ? 13 PHE A N    1 
ATOM 197 C CA   . PHE A 1 13 ? 6.629   5.365   -0.132  1.00 0.00 ? 13 PHE A CA   1 
ATOM 198 C C    . PHE A 1 13 ? 5.808   4.074   -0.211  1.00 0.00 ? 13 PHE A C    1 
ATOM 199 O O    . PHE A 1 13 ? 6.343   2.999   0.044   1.00 0.00 ? 13 PHE A O    1 
ATOM 200 C CB   . PHE A 1 13 ? 6.552   5.965   1.277   1.00 0.00 ? 13 PHE A CB   1 
ATOM 201 C CG   . PHE A 1 13 ? 6.973   5.021   2.379   1.00 0.00 ? 13 PHE A CG   1 
ATOM 202 C CD1  . PHE A 1 13 ? 8.336   4.757   2.594   1.00 0.00 ? 13 PHE A CD1  1 
ATOM 203 C CD2  . PHE A 1 13 ? 6.001   4.393   3.179   1.00 0.00 ? 13 PHE A CD2  1 
ATOM 204 C CE1  . PHE A 1 13 ? 8.722   3.788   3.536   1.00 0.00 ? 13 PHE A CE1  1 
ATOM 205 C CE2  . PHE A 1 13 ? 6.385   3.421   4.117   1.00 0.00 ? 13 PHE A CE2  1 
ATOM 206 C CZ   . PHE A 1 13 ? 7.745   3.103   4.281   1.00 0.00 ? 13 PHE A CZ   1 
ATOM 207 H H    . PHE A 1 13 ? 5.944   7.269   -0.722  1.00 0.00 ? 13 PHE A H    1 
ATOM 208 H HA   . PHE A 1 13 ? 7.672   5.130   -0.353  1.00 0.00 ? 13 PHE A HA   1 
ATOM 209 H HB2  . PHE A 1 13 ? 7.188   6.850   1.324   1.00 0.00 ? 13 PHE A HB2  1 
ATOM 210 H HB3  . PHE A 1 13 ? 5.522   6.268   1.466   1.00 0.00 ? 13 PHE A HB3  1 
ATOM 211 H HD1  . PHE A 1 13 ? 9.078   5.301   2.024   1.00 0.00 ? 13 PHE A HD1  1 
ATOM 212 H HD2  . PHE A 1 13 ? 4.960   4.651   3.068   1.00 0.00 ? 13 PHE A HD2  1 
ATOM 213 H HE1  . PHE A 1 13 ? 9.768   3.568   3.687   1.00 0.00 ? 13 PHE A HE1  1 
ATOM 214 H HE2  . PHE A 1 13 ? 5.632   2.937   4.723   1.00 0.00 ? 13 PHE A HE2  1 
ATOM 215 H HZ   . PHE A 1 13 ? 8.040   2.347   4.994   1.00 0.00 ? 13 PHE A HZ   1 
ATOM 216 N N    . CYS A 1 14 ? 4.525   4.180   -0.579  1.00 0.00 ? 14 CYS A N    1 
ATOM 217 C CA   . CYS A 1 14 ? 3.643   3.044   -0.796  1.00 0.00 ? 14 CYS A CA   1 
ATOM 218 C C    . CYS A 1 14 ? 3.025   3.190   -2.178  1.00 0.00 ? 14 CYS A C    1 
ATOM 219 O O    . CYS A 1 14 ? 2.327   4.165   -2.455  1.00 0.00 ? 14 CYS A O    1 
ATOM 220 C CB   . CYS A 1 14 ? 2.613   2.945   0.327   1.00 0.00 ? 14 CYS A CB   1 
ATOM 221 S SG   . CYS A 1 14 ? 3.344   2.385   1.888   1.00 0.00 ? 14 CYS A SG   1 
ATOM 222 H H    . CYS A 1 14 ? 4.175   5.093   -0.842  1.00 0.00 ? 14 CYS A H    1 
ATOM 223 H HA   . CYS A 1 14 ? 4.222   2.122   -0.800  1.00 0.00 ? 14 CYS A HA   1 
ATOM 224 H HB2  . CYS A 1 14 ? 2.141   3.917   0.472   1.00 0.00 ? 14 CYS A HB2  1 
ATOM 225 H HB3  . CYS A 1 14 ? 1.844   2.225   0.046   1.00 0.00 ? 14 CYS A HB3  1 
ATOM 226 N N    . VAL A 1 15 ? 3.311   2.212   -3.042  1.00 0.00 ? 15 VAL A N    1 
ATOM 227 C CA   . VAL A 1 15 ? 2.925   2.208   -4.444  1.00 0.00 ? 15 VAL A CA   1 
ATOM 228 C C    . VAL A 1 15 ? 1.619   1.435   -4.660  1.00 0.00 ? 15 VAL A C    1 
ATOM 229 O O    . VAL A 1 15 ? 0.942   1.067   -3.702  1.00 0.00 ? 15 VAL A O    1 
ATOM 230 C CB   . VAL A 1 15 ? 4.099   1.658   -5.275  1.00 0.00 ? 15 VAL A CB   1 
ATOM 231 C CG1  . VAL A 1 15 ? 5.366   2.502   -5.079  1.00 0.00 ? 15 VAL A CG1  1 
ATOM 232 C CG2  . VAL A 1 15 ? 4.418   0.196   -4.947  1.00 0.00 ? 15 VAL A CG2  1 
ATOM 233 H H    . VAL A 1 15 ? 3.833   1.414   -2.705  1.00 0.00 ? 15 VAL A H    1 
ATOM 234 H HA   . VAL A 1 15 ? 2.750   3.232   -4.774  1.00 0.00 ? 15 VAL A HA   1 
ATOM 235 H HB   . VAL A 1 15 ? 3.835   1.721   -6.327  1.00 0.00 ? 15 VAL A HB   1 
ATOM 236 H HG11 . VAL A 1 15 ? 5.153   3.547   -5.305  1.00 0.00 ? 15 VAL A HG11 1 
ATOM 237 H HG12 . VAL A 1 15 ? 5.732   2.423   -4.055  1.00 0.00 ? 15 VAL A HG12 1 
ATOM 238 H HG13 . VAL A 1 15 ? 6.145   2.146   -5.754  1.00 0.00 ? 15 VAL A HG13 1 
ATOM 239 H HG21 . VAL A 1 15 ? 3.514   -0.408  -4.937  1.00 0.00 ? 15 VAL A HG21 1 
ATOM 240 H HG22 . VAL A 1 15 ? 5.096   -0.198  -5.705  1.00 0.00 ? 15 VAL A HG22 1 
ATOM 241 H HG23 . VAL A 1 15 ? 4.898   0.127   -3.974  1.00 0.00 ? 15 VAL A HG23 1 
ATOM 242 N N    . ASN A 1 16 ? 1.270   1.204   -5.935  1.00 0.00 ? 16 ASN A N    1 
ATOM 243 C CA   . ASN A 1 16 ? 0.078   0.484   -6.369  1.00 0.00 ? 16 ASN A CA   1 
ATOM 244 C C    . ASN A 1 16 ? -1.186  1.067   -5.734  1.00 0.00 ? 16 ASN A C    1 
ATOM 245 O O    . ASN A 1 16 ? -2.028  0.338   -5.214  1.00 0.00 ? 16 ASN A O    1 
ATOM 246 C CB   . ASN A 1 16 ? 0.234   -1.023  -6.112  1.00 0.00 ? 16 ASN A CB   1 
ATOM 247 C CG   . ASN A 1 16 ? 1.393   -1.630  -6.905  1.00 0.00 ? 16 ASN A CG   1 
ATOM 248 O OD1  . ASN A 1 16 ? 1.466   -1.465  -8.121  1.00 0.00 ? 16 ASN A OD1  1 
ATOM 249 N ND2  . ASN A 1 16 ? 2.299   -2.338  -6.230  1.00 0.00 ? 16 ASN A ND2  1 
ATOM 250 H H    . ASN A 1 16 ? 1.874   1.551   -6.666  1.00 0.00 ? 16 ASN A H    1 
ATOM 251 H HA   . ASN A 1 16 ? -0.020  0.632   -7.445  1.00 0.00 ? 16 ASN A HA   1 
ATOM 252 H HB2  . ASN A 1 16 ? 0.366   -1.210  -5.045  1.00 0.00 ? 16 ASN A HB2  1 
ATOM 253 H HB3  . ASN A 1 16 ? -0.678  -1.521  -6.436  1.00 0.00 ? 16 ASN A HB3  1 
ATOM 254 H HD21 . ASN A 1 16 ? 2.218   -2.441  -5.227  1.00 0.00 ? 16 ASN A HD21 1 
ATOM 255 H HD22 . ASN A 1 16 ? 3.065   -2.780  -6.721  1.00 0.00 ? 16 ASN A HD22 1 
ATOM 256 N N    . GLY A 1 17 ? -1.306  2.401   -5.779  1.00 0.00 ? 17 GLY A N    1 
ATOM 257 C CA   . GLY A 1 17 ? -2.424  3.136   -5.211  1.00 0.00 ? 17 GLY A CA   1 
ATOM 258 C C    . GLY A 1 17 ? -2.459  3.092   -3.682  1.00 0.00 ? 17 GLY A C    1 
ATOM 259 O O    . GLY A 1 17 ? -3.501  3.379   -3.098  1.00 0.00 ? 17 GLY A O    1 
ATOM 260 H H    . GLY A 1 17 ? -0.554  2.939   -6.185  1.00 0.00 ? 17 GLY A H    1 
ATOM 261 H HA2  . GLY A 1 17 ? -2.362  4.173   -5.541  1.00 0.00 ? 17 GLY A HA2  1 
ATOM 262 H HA3  . GLY A 1 17 ? -3.356  2.717   -5.596  1.00 0.00 ? 17 GLY A HA3  1 
ATOM 263 N N    . GLY A 1 18 ? -1.345  2.732   -3.027  1.00 0.00 ? 18 GLY A N    1 
ATOM 264 C CA   . GLY A 1 18 ? -1.298  2.605   -1.583  1.00 0.00 ? 18 GLY A CA   1 
ATOM 265 C C    . GLY A 1 18 ? -1.470  3.964   -0.910  1.00 0.00 ? 18 GLY A C    1 
ATOM 266 O O    . GLY A 1 18 ? -0.665  4.867   -1.134  1.00 0.00 ? 18 GLY A O    1 
ATOM 267 H H    . GLY A 1 18 ? -0.511  2.478   -3.539  1.00 0.00 ? 18 GLY A H    1 
ATOM 268 H HA2  . GLY A 1 18 ? -2.106  1.942   -1.288  1.00 0.00 ? 18 GLY A HA2  1 
ATOM 269 H HA3  . GLY A 1 18 ? -0.349  2.159   -1.286  1.00 0.00 ? 18 GLY A HA3  1 
ATOM 270 N N    . GLU A 1 19 ? -2.522  4.108   -0.094  1.00 0.00 ? 19 GLU A N    1 
ATOM 271 C CA   . GLU A 1 19 ? -2.871  5.375   0.531   1.00 0.00 ? 19 GLU A CA   1 
ATOM 272 C C    . GLU A 1 19 ? -1.967  5.590   1.744   1.00 0.00 ? 19 GLU A C    1 
ATOM 273 O O    . GLU A 1 19 ? -2.249  5.096   2.832   1.00 0.00 ? 19 GLU A O    1 
ATOM 274 C CB   . GLU A 1 19 ? -4.358  5.384   0.907   1.00 0.00 ? 19 GLU A CB   1 
ATOM 275 C CG   . GLU A 1 19 ? -5.251  5.231   -0.331  1.00 0.00 ? 19 GLU A CG   1 
ATOM 276 C CD   . GLU A 1 19 ? -6.728  5.182   0.049   1.00 0.00 ? 19 GLU A CD   1 
ATOM 277 O OE1  . GLU A 1 19 ? -7.195  6.176   0.646   1.00 0.00 ? 19 GLU A OE1  1 
ATOM 278 O OE2  . GLU A 1 19 ? -7.364  4.152   -0.265  1.00 0.00 ? 19 GLU A OE2  1 
ATOM 279 H H    . GLU A 1 19 ? -3.130  3.318   0.085   1.00 0.00 ? 19 GLU A H    1 
ATOM 280 H HA   . GLU A 1 19 ? -2.714  6.188   -0.181  1.00 0.00 ? 19 GLU A HA   1 
ATOM 281 H HB2  . GLU A 1 19 ? -4.566  4.572   1.599   1.00 0.00 ? 19 GLU A HB2  1 
ATOM 282 H HB3  . GLU A 1 19 ? -4.589  6.331   1.397   1.00 0.00 ? 19 GLU A HB3  1 
ATOM 283 H HG2  . GLU A 1 19 ? -5.087  6.073   -1.004  1.00 0.00 ? 19 GLU A HG2  1 
ATOM 284 H HG3  . GLU A 1 19 ? -5.001  4.310   -0.859  1.00 0.00 ? 19 GLU A HG3  1 
ATOM 285 N N    . CYS A 1 20 ? -0.868  6.319   1.531   1.00 0.00 ? 20 CYS A N    1 
ATOM 286 C CA   . CYS A 1 20 ? 0.178   6.558   2.512   1.00 0.00 ? 20 CYS A CA   1 
ATOM 287 C C    . CYS A 1 20 ? -0.248  7.596   3.546   1.00 0.00 ? 20 CYS A C    1 
ATOM 288 O O    . CYS A 1 20 ? -0.678  8.692   3.185   1.00 0.00 ? 20 CYS A O    1 
ATOM 289 C CB   . CYS A 1 20 ? 1.430   7.041   1.765   1.00 0.00 ? 20 CYS A CB   1 
ATOM 290 S SG   . CYS A 1 20 ? 2.953   7.361   2.712   1.00 0.00 ? 20 CYS A SG   1 
ATOM 291 H H    . CYS A 1 20 ? -0.712  6.674   0.598   1.00 0.00 ? 20 CYS A H    1 
ATOM 292 H HA   . CYS A 1 20 ? 0.420   5.619   3.007   1.00 0.00 ? 20 CYS A HA   1 
ATOM 293 H HB2  . CYS A 1 20 ? 1.689   6.290   1.020   1.00 0.00 ? 20 CYS A HB2  1 
ATOM 294 H HB3  . CYS A 1 20 ? 1.173   7.956   1.232   1.00 0.00 ? 20 CYS A HB3  1 
ATOM 295 N N    . PHE A 1 21 ? -0.106  7.244   4.830   1.00 0.00 ? 21 PHE A N    1 
ATOM 296 C CA   . PHE A 1 21 ? -0.324  8.131   5.965   1.00 0.00 ? 21 PHE A CA   1 
ATOM 297 C C    . PHE A 1 21 ? 0.898   8.028   6.875   1.00 0.00 ? 21 PHE A C    1 
ATOM 298 O O    . PHE A 1 21 ? 1.740   7.147   6.702   1.00 0.00 ? 21 PHE A O    1 
ATOM 299 C CB   . PHE A 1 21 ? -1.607  7.812   6.742   1.00 0.00 ? 21 PHE A CB   1 
ATOM 300 C CG   . PHE A 1 21 ? -2.871  7.813   5.911   1.00 0.00 ? 21 PHE A CG   1 
ATOM 301 C CD1  . PHE A 1 21 ? -3.297  6.631   5.282   1.00 0.00 ? 21 PHE A CD1  1 
ATOM 302 C CD2  . PHE A 1 21 ? -3.621  8.993   5.763   1.00 0.00 ? 21 PHE A CD2  1 
ATOM 303 C CE1  . PHE A 1 21 ? -4.439  6.644   4.464   1.00 0.00 ? 21 PHE A CE1  1 
ATOM 304 C CE2  . PHE A 1 21 ? -4.773  9.001   4.959   1.00 0.00 ? 21 PHE A CE2  1 
ATOM 305 C CZ   . PHE A 1 21 ? -5.180  7.826   4.305   1.00 0.00 ? 21 PHE A CZ   1 
ATOM 306 H H    . PHE A 1 21 ? 0.222   6.314   5.050   1.00 0.00 ? 21 PHE A H    1 
ATOM 307 H HA   . PHE A 1 21 ? -0.382  9.156   5.609   1.00 0.00 ? 21 PHE A HA   1 
ATOM 308 H HB2  . PHE A 1 21 ? -1.505  6.854   7.248   1.00 0.00 ? 21 PHE A HB2  1 
ATOM 309 H HB3  . PHE A 1 21 ? -1.716  8.567   7.519   1.00 0.00 ? 21 PHE A HB3  1 
ATOM 310 H HD1  . PHE A 1 21 ? -2.742  5.715   5.422   1.00 0.00 ? 21 PHE A HD1  1 
ATOM 311 H HD2  . PHE A 1 21 ? -3.320  9.895   6.271   1.00 0.00 ? 21 PHE A HD2  1 
ATOM 312 H HE1  . PHE A 1 21 ? -4.743  5.745   3.952   1.00 0.00 ? 21 PHE A HE1  1 
ATOM 313 H HE2  . PHE A 1 21 ? -5.343  9.913   4.850   1.00 0.00 ? 21 PHE A HE2  1 
ATOM 314 H HZ   . PHE A 1 21 ? -6.065  7.823   3.686   1.00 0.00 ? 21 PHE A HZ   1 
ATOM 315 N N    . MET A 1 22 ? 0.987   8.944   7.841   1.00 0.00 ? 22 MET A N    1 
ATOM 316 C CA   . MET A 1 22 ? 2.093   9.064   8.774   1.00 0.00 ? 22 MET A CA   1 
ATOM 317 C C    . MET A 1 22 ? 1.508   9.289   10.164  1.00 0.00 ? 22 MET A C    1 
ATOM 318 O O    . MET A 1 22 ? 0.524   10.015  10.302  1.00 0.00 ? 22 MET A O    1 
ATOM 319 C CB   . MET A 1 22 ? 2.992   10.216  8.323   1.00 0.00 ? 22 MET A CB   1 
ATOM 320 C CG   . MET A 1 22 ? 4.251   10.352  9.185   1.00 0.00 ? 22 MET A CG   1 
ATOM 321 S SD   . MET A 1 22 ? 5.399   11.638  8.626   1.00 0.00 ? 22 MET A SD   1 
ATOM 322 C CE   . MET A 1 22 ? 4.449   13.126  9.031   1.00 0.00 ? 22 MET A CE   1 
ATOM 323 H H    . MET A 1 22 ? 0.244   9.628   7.922   1.00 0.00 ? 22 MET A H    1 
ATOM 324 H HA   . MET A 1 22 ? 2.688   8.155   8.772   1.00 0.00 ? 22 MET A HA   1 
ATOM 325 H HB2  . MET A 1 22 ? 3.303   10.021  7.297   1.00 0.00 ? 22 MET A HB2  1 
ATOM 326 H HB3  . MET A 1 22 ? 2.419   11.141  8.355   1.00 0.00 ? 22 MET A HB3  1 
ATOM 327 H HG2  . MET A 1 22 ? 3.976   10.568  10.217  1.00 0.00 ? 22 MET A HG2  1 
ATOM 328 H HG3  . MET A 1 22 ? 4.789   9.404   9.161   1.00 0.00 ? 22 MET A HG3  1 
ATOM 329 H HE1  . MET A 1 22 ? 4.146   13.096  10.078  1.00 0.00 ? 22 MET A HE1  1 
ATOM 330 H HE2  . MET A 1 22 ? 5.073   14.003  8.861   1.00 0.00 ? 22 MET A HE2  1 
ATOM 331 H HE3  . MET A 1 22 ? 3.566   13.189  8.395   1.00 0.00 ? 22 MET A HE3  1 
ATOM 332 N N    . VAL A 1 23 ? 2.097   8.655   11.186  1.00 0.00 ? 23 VAL A N    1 
ATOM 333 C CA   . VAL A 1 23 ? 1.572   8.702   12.543  1.00 0.00 ? 23 VAL A CA   1 
ATOM 334 C C    . VAL A 1 23 ? 2.094   9.981   13.208  1.00 0.00 ? 23 VAL A C    1 
ATOM 335 O O    . VAL A 1 23 ? 3.198   10.012  13.750  1.00 0.00 ? 23 VAL A O    1 
ATOM 336 C CB   . VAL A 1 23 ? 1.938   7.417   13.303  1.00 0.00 ? 23 VAL A CB   1 
ATOM 337 C CG1  . VAL A 1 23 ? 1.157   7.343   14.618  1.00 0.00 ? 23 VAL A CG1  1 
ATOM 338 C CG2  . VAL A 1 23 ? 1.604   6.155   12.493  1.00 0.00 ? 23 VAL A CG2  1 
ATOM 339 H H    . VAL A 1 23 ? 2.938   8.114   11.018  1.00 0.00 ? 23 VAL A H    1 
ATOM 340 H HA   . VAL A 1 23 ? 0.481   8.738   12.500  1.00 0.00 ? 23 VAL A HA   1 
ATOM 341 H HB   . VAL A 1 23 ? 3.004   7.433   13.521  1.00 0.00 ? 23 VAL A HB   1 
ATOM 342 H HG11 . VAL A 1 23 ? 1.317   8.246   15.197  1.00 0.00 ? 23 VAL A HG11 1 
ATOM 343 H HG12 . VAL A 1 23 ? 0.091   7.242   14.412  1.00 0.00 ? 23 VAL A HG12 1 
ATOM 344 H HG13 . VAL A 1 23 ? 1.491   6.484   15.201  1.00 0.00 ? 23 VAL A HG13 1 
ATOM 345 H HG21 . VAL A 1 23 ? 0.549   6.157   12.219  1.00 0.00 ? 23 VAL A HG21 1 
ATOM 346 H HG22 . VAL A 1 23 ? 2.205   6.098   11.587  1.00 0.00 ? 23 VAL A HG22 1 
ATOM 347 H HG23 . VAL A 1 23 ? 1.811   5.270   13.095  1.00 0.00 ? 23 VAL A HG23 1 
ATOM 348 N N    . LYS A 1 24 ? 1.285   11.043  13.139  1.00 0.00 ? 24 LYS A N    1 
ATOM 349 C CA   . LYS A 1 24 ? 1.613   12.381  13.593  1.00 0.00 ? 24 LYS A CA   1 
ATOM 350 C C    . LYS A 1 24 ? 1.646   12.478  15.121  1.00 0.00 ? 24 LYS A C    1 
ATOM 351 O O    . LYS A 1 24 ? 0.613   12.664  15.763  1.00 0.00 ? 24 LYS A O    1 
ATOM 352 C CB   . LYS A 1 24 ? 0.609   13.365  12.967  1.00 0.00 ? 24 LYS A CB   1 
ATOM 353 C CG   . LYS A 1 24 ? 1.122   14.808  12.877  1.00 0.00 ? 24 LYS A CG   1 
ATOM 354 C CD   . LYS A 1 24 ? 1.388   15.454  14.241  1.00 0.00 ? 24 LYS A CD   1 
ATOM 355 C CE   . LYS A 1 24 ? 1.670   16.944  14.056  1.00 0.00 ? 24 LYS A CE   1 
ATOM 356 N NZ   . LYS A 1 24 ? 1.985   17.594  15.340  1.00 0.00 ? 24 LYS A NZ   1 
ATOM 357 H H    . LYS A 1 24 ? 0.395   10.938  12.672  1.00 0.00 ? 24 LYS A H    1 
ATOM 358 H HA   . LYS A 1 24 ? 2.599   12.629  13.197  1.00 0.00 ? 24 LYS A HA   1 
ATOM 359 H HB2  . LYS A 1 24 ? 0.415   13.048  11.943  1.00 0.00 ? 24 LYS A HB2  1 
ATOM 360 H HB3  . LYS A 1 24 ? -0.341  13.340  13.503  1.00 0.00 ? 24 LYS A HB3  1 
ATOM 361 H HG2  . LYS A 1 24 ? 2.035   14.831  12.281  1.00 0.00 ? 24 LYS A HG2  1 
ATOM 362 H HG3  . LYS A 1 24 ? 0.360   15.392  12.358  1.00 0.00 ? 24 LYS A HG3  1 
ATOM 363 H HD2  . LYS A 1 24 ? 0.519   15.327  14.887  1.00 0.00 ? 24 LYS A HD2  1 
ATOM 364 H HD3  . LYS A 1 24 ? 2.262   14.998  14.706  1.00 0.00 ? 24 LYS A HD3  1 
ATOM 365 H HE2  . LYS A 1 24 ? 2.517   17.064  13.381  1.00 0.00 ? 24 LYS A HE2  1 
ATOM 366 H HE3  . LYS A 1 24 ? 0.794   17.423  13.619  1.00 0.00 ? 24 LYS A HE3  1 
ATOM 367 H HZ1  . LYS A 1 24 ? 1.202   17.492  15.971  1.00 0.00 ? 24 LYS A HZ1  1 
ATOM 368 H HZ2  . LYS A 1 24 ? 2.802   17.162  15.746  1.00 0.00 ? 24 LYS A HZ2  1 
ATOM 369 H HZ3  . LYS A 1 24 ? 2.165   18.575  15.185  1.00 0.00 ? 24 LYS A HZ3  1 
ATOM 370 N N    . ASP A 1 25 ? 2.851   12.366  15.688  1.00 0.00 ? 25 ASP A N    1 
ATOM 371 C CA   . ASP A 1 25 ? 3.131   12.551  17.106  1.00 0.00 ? 25 ASP A CA   1 
ATOM 372 C C    . ASP A 1 25 ? 4.612   12.895  17.251  1.00 0.00 ? 25 ASP A C    1 
ATOM 373 O O    . ASP A 1 25 ? 5.442   12.406  16.486  1.00 0.00 ? 25 ASP A O    1 
ATOM 374 C CB   . ASP A 1 25 ? 2.733   11.333  17.949  1.00 0.00 ? 25 ASP A CB   1 
ATOM 375 C CG   . ASP A 1 25 ? 3.483   10.068  17.551  1.00 0.00 ? 25 ASP A CG   1 
ATOM 376 O OD1  . ASP A 1 25 ? 4.589   9.858   18.095  1.00 0.00 ? 25 ASP A OD1  1 
ATOM 377 O OD2  . ASP A 1 25 ? 2.938   9.328   16.707  1.00 0.00 ? 25 ASP A OD2  1 
ATOM 378 H H    . ASP A 1 25 ? 3.642   12.155  15.095  1.00 0.00 ? 25 ASP A H    1 
ATOM 379 H HA   . ASP A 1 25 ? 2.548   13.404  17.456  1.00 0.00 ? 25 ASP A HA   1 
ATOM 380 H HB2  . ASP A 1 25 ? 2.941   11.548  18.998  1.00 0.00 ? 25 ASP A HB2  1 
ATOM 381 H HB3  . ASP A 1 25 ? 1.665   11.162  17.848  1.00 0.00 ? 25 ASP A HB3  1 
ATOM 382 N N    . LEU A 1 26 ? 4.934   13.750  18.228  1.00 0.00 ? 26 LEU A N    1 
ATOM 383 C CA   . LEU A 1 26 ? 6.278   14.267  18.436  1.00 0.00 ? 26 LEU A CA   1 
ATOM 384 C C    . LEU A 1 26 ? 7.122   13.256  19.216  1.00 0.00 ? 26 LEU A C    1 
ATOM 385 O O    . LEU A 1 26 ? 7.484   13.495  20.367  1.00 0.00 ? 26 LEU A O    1 
ATOM 386 C CB   . LEU A 1 26 ? 6.204   15.628  19.147  1.00 0.00 ? 26 LEU A CB   1 
ATOM 387 C CG   . LEU A 1 26 ? 5.336   16.671  18.419  1.00 0.00 ? 26 LEU A CG   1 
ATOM 388 C CD1  . LEU A 1 26 ? 5.345   17.977  19.221  1.00 0.00 ? 26 LEU A CD1  1 
ATOM 389 C CD2  . LEU A 1 26 ? 5.828   16.949  16.993  1.00 0.00 ? 26 LEU A CD2  1 
ATOM 390 H H    . LEU A 1 26 ? 4.205   14.092  18.835  1.00 0.00 ? 26 LEU A H    1 
ATOM 391 H HA   . LEU A 1 26 ? 6.767   14.417  17.473  1.00 0.00 ? 26 LEU A HA   1 
ATOM 392 H HB2  . LEU A 1 26 ? 5.788   15.479  20.145  1.00 0.00 ? 26 LEU A HB2  1 
ATOM 393 H HB3  . LEU A 1 26 ? 7.218   16.020  19.249  1.00 0.00 ? 26 LEU A HB3  1 
ATOM 394 H HG   . LEU A 1 26 ? 4.304   16.319  18.367  1.00 0.00 ? 26 LEU A HG   1 
ATOM 395 H HD11 . LEU A 1 26 ? 4.975   17.794  20.230  1.00 0.00 ? 26 LEU A HD11 1 
ATOM 396 H HD12 . LEU A 1 26 ? 6.358   18.375  19.277  1.00 0.00 ? 26 LEU A HD12 1 
ATOM 397 H HD13 . LEU A 1 26 ? 4.699   18.712  18.740  1.00 0.00 ? 26 LEU A HD13 1 
ATOM 398 H HD21 . LEU A 1 26 ? 6.883   17.222  17.007  1.00 0.00 ? 26 LEU A HD21 1 
ATOM 399 H HD22 . LEU A 1 26 ? 5.689   16.071  16.364  1.00 0.00 ? 26 LEU A HD22 1 
ATOM 400 H HD23 . LEU A 1 26 ? 5.254   17.770  16.561  1.00 0.00 ? 26 LEU A HD23 1 
ATOM 401 N N    . SER A 1 27 ? 7.436   12.125  18.575  1.00 0.00 ? 27 SER A N    1 
ATOM 402 C CA   . SER A 1 27 ? 8.315   11.102  19.123  1.00 0.00 ? 27 SER A CA   1 
ATOM 403 C C    . SER A 1 27 ? 9.036   10.378  17.989  1.00 0.00 ? 27 SER A C    1 
ATOM 404 O O    . SER A 1 27 ? 10.265  10.355  17.945  1.00 0.00 ? 27 SER A O    1 
ATOM 405 C CB   . SER A 1 27 ? 7.521   10.139  20.014  1.00 0.00 ? 27 SER A CB   1 
ATOM 406 O OG   . SER A 1 27 ? 8.391   9.194   20.602  1.00 0.00 ? 27 SER A OG   1 
ATOM 407 H H    . SER A 1 27 ? 7.078   11.992  17.638  1.00 0.00 ? 27 SER A H    1 
ATOM 408 H HA   . SER A 1 27 ? 9.074   11.586  19.734  1.00 0.00 ? 27 SER A HA   1 
ATOM 409 H HB2  . SER A 1 27 ? 7.025   10.698  20.807  1.00 0.00 ? 27 SER A HB2  1 
ATOM 410 H HB3  . SER A 1 27 ? 6.770   9.610   19.428  1.00 0.00 ? 27 SER A HB3  1 
ATOM 411 H HG   . SER A 1 27 ? 7.877   8.615   21.172  1.00 0.00 ? 27 SER A HG   1 
ATOM 412 N N    . ASN A 1 28 ? 8.265   9.786   17.070  1.00 0.00 ? 28 ASN A N    1 
ATOM 413 C CA   . ASN A 1 28 ? 8.796   9.027   15.950  1.00 0.00 ? 28 ASN A CA   1 
ATOM 414 C C    . ASN A 1 28 ? 9.379   9.968   14.886  1.00 0.00 ? 28 ASN A C    1 
ATOM 415 O O    . ASN A 1 28 ? 8.949   11.119  14.801  1.00 0.00 ? 28 ASN A O    1 
ATOM 416 C CB   . ASN A 1 28 ? 7.681   8.172   15.337  1.00 0.00 ? 28 ASN A CB   1 
ATOM 417 C CG   . ASN A 1 28 ? 6.637   9.029   14.624  1.00 0.00 ? 28 ASN A CG   1 
ATOM 418 O OD1  . ASN A 1 28 ? 6.756   9.295   13.431  1.00 0.00 ? 28 ASN A OD1  1 
ATOM 419 N ND2  . ASN A 1 28 ? 5.610   9.464   15.353  1.00 0.00 ? 28 ASN A ND2  1 
ATOM 420 H H    . ASN A 1 28 ? 7.265   9.870   17.146  1.00 0.00 ? 28 ASN A H    1 
ATOM 421 H HA   . ASN A 1 28 ? 9.546   8.353   16.357  1.00 0.00 ? 28 ASN A HA   1 
ATOM 422 H HB2  . ASN A 1 28 ? 8.121   7.490   14.610  1.00 0.00 ? 28 ASN A HB2  1 
ATOM 423 H HB3  . ASN A 1 28 ? 7.207   7.580   16.121  1.00 0.00 ? 28 ASN A HB3  1 
ATOM 424 H HD21 . ASN A 1 28 ? 5.532   9.219   16.330  1.00 0.00 ? 28 ASN A HD21 1 
ATOM 425 H HD22 . ASN A 1 28 ? 4.901   10.043  14.925  1.00 0.00 ? 28 ASN A HD22 1 
ATOM 426 N N    . PRO A 1 29 ? 10.334  9.503   14.063  1.00 0.00 ? 29 PRO A N    1 
ATOM 427 C CA   . PRO A 1 29 ? 10.868  10.274  12.950  1.00 0.00 ? 29 PRO A CA   1 
ATOM 428 C C    . PRO A 1 29 ? 9.760   10.626  11.950  1.00 0.00 ? 29 PRO A C    1 
ATOM 429 O O    . PRO A 1 29 ? 9.468   11.803  11.752  1.00 0.00 ? 29 PRO A O    1 
ATOM 430 C CB   . PRO A 1 29 ? 11.969  9.410   12.318  1.00 0.00 ? 29 PRO A CB   1 
ATOM 431 C CG   . PRO A 1 29 ? 12.361  8.450   13.439  1.00 0.00 ? 29 PRO A CG   1 
ATOM 432 C CD   . PRO A 1 29 ? 11.053  8.249   14.201  1.00 0.00 ? 29 PRO A CD   1 
ATOM 433 H HA   . PRO A 1 29 ? 11.318  11.187  13.345  1.00 0.00 ? 29 PRO A HA   1 
ATOM 434 H HB2  . PRO A 1 29 ? 11.592  8.821   11.482  1.00 0.00 ? 29 PRO A HB2  1 
ATOM 435 H HB3  . PRO A 1 29 ? 12.816  10.012  11.986  1.00 0.00 ? 29 PRO A HB3  1 
ATOM 436 H HG2  . PRO A 1 29 ? 12.771  7.513   13.060  1.00 0.00 ? 29 PRO A HG2  1 
ATOM 437 H HG3  . PRO A 1 29 ? 13.085  8.941   14.091  1.00 0.00 ? 29 PRO A HG3  1 
ATOM 438 H HD2  . PRO A 1 29 ? 10.465  7.447   13.754  1.00 0.00 ? 29 PRO A HD2  1 
ATOM 439 H HD3  . PRO A 1 29 ? 11.296  8.011   15.237  1.00 0.00 ? 29 PRO A HD3  1 
ATOM 440 N N    . SER A 1 30 ? 9.157   9.600   11.332  1.00 0.00 ? 30 SER A N    1 
ATOM 441 C CA   . SER A 1 30 ? 8.112   9.679   10.317  1.00 0.00 ? 30 SER A CA   1 
ATOM 442 C C    . SER A 1 30 ? 7.606   8.253   10.062  1.00 0.00 ? 30 SER A C    1 
ATOM 443 O O    . SER A 1 30 ? 7.646   7.776   8.929   1.00 0.00 ? 30 SER A O    1 
ATOM 444 C CB   . SER A 1 30 ? 8.652   10.295  9.009   1.00 0.00 ? 30 SER A CB   1 
ATOM 445 O OG   . SER A 1 30 ? 8.812   11.695  9.099   1.00 0.00 ? 30 SER A OG   1 
ATOM 446 H H    . SER A 1 30 ? 9.430   8.667   11.603  1.00 0.00 ? 30 SER A H    1 
ATOM 447 H HA   . SER A 1 30 ? 7.281   10.280  10.689  1.00 0.00 ? 30 SER A HA   1 
ATOM 448 H HB2  . SER A 1 30 ? 9.605   9.834   8.746   1.00 0.00 ? 30 SER A HB2  1 
ATOM 449 H HB3  . SER A 1 30 ? 7.948   10.119  8.195   1.00 0.00 ? 30 SER A HB3  1 
ATOM 450 H HG   . SER A 1 30 ? 9.341   11.899  9.874   1.00 0.00 ? 30 SER A HG   1 
ATOM 451 N N    . ARG A 1 31 ? 7.143   7.558   11.110  1.00 0.00 ? 31 ARG A N    1 
ATOM 452 C CA   . ARG A 1 31 ? 6.668   6.186   10.970  1.00 0.00 ? 31 ARG A CA   1 
ATOM 453 C C    . ARG A 1 31 ? 5.393   6.182   10.125  1.00 0.00 ? 31 ARG A C    1 
ATOM 454 O O    . ARG A 1 31 ? 4.450   6.923   10.405  1.00 0.00 ? 31 ARG A O    1 
ATOM 455 C CB   . ARG A 1 31 ? 6.523   5.489   12.331  1.00 0.00 ? 31 ARG A CB   1 
ATOM 456 C CG   . ARG A 1 31 ? 5.373   6.027   13.185  1.00 0.00 ? 31 ARG A CG   1 
ATOM 457 C CD   . ARG A 1 31 ? 5.454   5.476   14.612  1.00 0.00 ? 31 ARG A CD   1 
ATOM 458 N NE   . ARG A 1 31 ? 4.577   6.225   15.522  1.00 0.00 ? 31 ARG A NE   1 
ATOM 459 C CZ   . ARG A 1 31 ? 4.315   5.874   16.791  1.00 0.00 ? 31 ARG A CZ   1 
ATOM 460 N NH1  . ARG A 1 31 ? 4.863   4.774   17.327  1.00 0.00 ? 31 ARG A NH1  1 
ATOM 461 N NH2  . ARG A 1 31 ? 3.498   6.632   17.533  1.00 0.00 ? 31 ARG A NH2  1 
ATOM 462 H H    . ARG A 1 31 ? 7.104   7.998   12.020  1.00 0.00 ? 31 ARG A H    1 
ATOM 463 H HA   . ARG A 1 31 ? 7.443   5.633   10.435  1.00 0.00 ? 31 ARG A HA   1 
ATOM 464 H HB2  . ARG A 1 31 ? 6.358   4.423   12.165  1.00 0.00 ? 31 ARG A HB2  1 
ATOM 465 H HB3  . ARG A 1 31 ? 7.463   5.609   12.869  1.00 0.00 ? 31 ARG A HB3  1 
ATOM 466 H HG2  . ARG A 1 31 ? 5.415   7.113   13.207  1.00 0.00 ? 31 ARG A HG2  1 
ATOM 467 H HG3  . ARG A 1 31 ? 4.424   5.721   12.748  1.00 0.00 ? 31 ARG A HG3  1 
ATOM 468 H HD2  . ARG A 1 31 ? 5.165   4.424   14.595  1.00 0.00 ? 31 ARG A HD2  1 
ATOM 469 H HD3  . ARG A 1 31 ? 6.477   5.554   14.980  1.00 0.00 ? 31 ARG A HD3  1 
ATOM 470 H HE   . ARG A 1 31 ? 4.164   7.074   15.165  1.00 0.00 ? 31 ARG A HE   1 
ATOM 471 H HH11 . ARG A 1 31 ? 5.484   4.199   16.777  1.00 0.00 ? 31 ARG A HH11 1 
ATOM 472 H HH12 . ARG A 1 31 ? 4.658   4.517   18.282  1.00 0.00 ? 31 ARG A HH12 1 
ATOM 473 H HH21 . ARG A 1 31 ? 3.094   7.473   17.141  1.00 0.00 ? 31 ARG A HH21 1 
ATOM 474 H HH22 . ARG A 1 31 ? 3.288   6.373   18.485  1.00 0.00 ? 31 ARG A HH22 1 
ATOM 475 N N    . TYR A 1 32 ? 5.393   5.358   9.073   1.00 0.00 ? 32 TYR A N    1 
ATOM 476 C CA   . TYR A 1 32 ? 4.330   5.295   8.085   1.00 0.00 ? 32 TYR A CA   1 
ATOM 477 C C    . TYR A 1 32 ? 3.251   4.276   8.441   1.00 0.00 ? 32 TYR A C    1 
ATOM 478 O O    . TYR A 1 32 ? 3.483   3.335   9.198   1.00 0.00 ? 32 TYR A O    1 
ATOM 479 C CB   . TYR A 1 32 ? 4.945   4.997   6.718   1.00 0.00 ? 32 TYR A CB   1 
ATOM 480 C CG   . TYR A 1 32 ? 5.933   6.060   6.276   1.00 0.00 ? 32 TYR A CG   1 
ATOM 481 C CD1  . TYR A 1 32 ? 5.463   7.320   5.862   1.00 0.00 ? 32 TYR A CD1  1 
ATOM 482 C CD2  . TYR A 1 32 ? 7.315   5.801   6.295   1.00 0.00 ? 32 TYR A CD2  1 
ATOM 483 C CE1  . TYR A 1 32 ? 6.372   8.327   5.500   1.00 0.00 ? 32 TYR A CE1  1 
ATOM 484 C CE2  . TYR A 1 32 ? 8.224   6.799   5.906   1.00 0.00 ? 32 TYR A CE2  1 
ATOM 485 C CZ   . TYR A 1 32 ? 7.755   8.070   5.534   1.00 0.00 ? 32 TYR A CZ   1 
ATOM 486 O OH   . TYR A 1 32 ? 8.646   9.050   5.213   1.00 0.00 ? 32 TYR A OH   1 
ATOM 487 H H    . TYR A 1 32 ? 6.199   4.771   8.918   1.00 0.00 ? 32 TYR A H    1 
ATOM 488 H HA   . TYR A 1 32 ? 3.864   6.273   8.004   1.00 0.00 ? 32 TYR A HA   1 
ATOM 489 H HB2  . TYR A 1 32 ? 5.442   4.029   6.774   1.00 0.00 ? 32 TYR A HB2  1 
ATOM 490 H HB3  . TYR A 1 32 ? 4.152   4.933   5.971   1.00 0.00 ? 32 TYR A HB3  1 
ATOM 491 H HD1  . TYR A 1 32 ? 4.404   7.523   5.842   1.00 0.00 ? 32 TYR A HD1  1 
ATOM 492 H HD2  . TYR A 1 32 ? 7.688   4.842   6.623   1.00 0.00 ? 32 TYR A HD2  1 
ATOM 493 H HE1  . TYR A 1 32 ? 5.998   9.296   5.205   1.00 0.00 ? 32 TYR A HE1  1 
ATOM 494 H HE2  . TYR A 1 32 ? 9.284   6.594   5.914   1.00 0.00 ? 32 TYR A HE2  1 
ATOM 495 H HH   . TYR A 1 32 ? 8.233   9.909   5.092   1.00 0.00 ? 32 TYR A HH   1 
ATOM 496 N N    . LEU A 1 33 ? 2.066   4.492   7.862   1.00 0.00 ? 33 LEU A N    1 
ATOM 497 C CA   . LEU A 1 33 ? 0.903   3.625   7.947   1.00 0.00 ? 33 LEU A CA   1 
ATOM 498 C C    . LEU A 1 33 ? 0.200   3.755   6.600   1.00 0.00 ? 33 LEU A C    1 
ATOM 499 O O    . LEU A 1 33 ? -0.355  4.811   6.304   1.00 0.00 ? 33 LEU A O    1 
ATOM 500 C CB   . LEU A 1 33 ? 0.023   4.074   9.124   1.00 0.00 ? 33 LEU A CB   1 
ATOM 501 C CG   . LEU A 1 33 ? -1.223  3.215   9.418   1.00 0.00 ? 33 LEU A CG   1 
ATOM 502 C CD1  . LEU A 1 33 ? -2.328  3.328   8.359   1.00 0.00 ? 33 LEU A CD1  1 
ATOM 503 C CD2  . LEU A 1 33 ? -0.868  1.742   9.652   1.00 0.00 ? 33 LEU A CD2  1 
ATOM 504 H H    . LEU A 1 33 ? 1.973   5.315   7.281   1.00 0.00 ? 33 LEU A H    1 
ATOM 505 H HA   . LEU A 1 33 ? 1.232   2.595   8.099   1.00 0.00 ? 33 LEU A HA   1 
ATOM 506 H HB2  . LEU A 1 33 ? 0.642   4.060   10.022  1.00 0.00 ? 33 LEU A HB2  1 
ATOM 507 H HB3  . LEU A 1 33 ? -0.291  5.106   8.961   1.00 0.00 ? 33 LEU A HB3  1 
ATOM 508 H HG   . LEU A 1 33 ? -1.642  3.599   10.350  1.00 0.00 ? 33 LEU A HG   1 
ATOM 509 H HD11 . LEU A 1 33 ? -2.492  4.374   8.099   1.00 0.00 ? 33 LEU A HD11 1 
ATOM 510 H HD12 . LEU A 1 33 ? -2.072  2.766   7.463   1.00 0.00 ? 33 LEU A HD12 1 
ATOM 511 H HD13 . LEU A 1 33 ? -3.252  2.918   8.765   1.00 0.00 ? 33 LEU A HD13 1 
ATOM 512 H HD21 . LEU A 1 33 ? -0.074  1.666   10.394  1.00 0.00 ? 33 LEU A HD21 1 
ATOM 513 H HD22 . LEU A 1 33 ? -1.747  1.212   10.019  1.00 0.00 ? 33 LEU A HD22 1 
ATOM 514 H HD23 . LEU A 1 33 ? -0.541  1.274   8.724   1.00 0.00 ? 33 LEU A HD23 1 
ATOM 515 N N    . CYS A 1 34 ? 0.239   2.702   5.778   1.00 0.00 ? 34 CYS A N    1 
ATOM 516 C CA   . CYS A 1 34 ? -0.297  2.728   4.426   1.00 0.00 ? 34 CYS A CA   1 
ATOM 517 C C    . CYS A 1 34 ? -1.544  1.859   4.319   1.00 0.00 ? 34 CYS A C    1 
ATOM 518 O O    . CYS A 1 34 ? -1.469  0.646   4.512   1.00 0.00 ? 34 CYS A O    1 
ATOM 519 C CB   . CYS A 1 34 ? 0.765   2.252   3.434   1.00 0.00 ? 34 CYS A CB   1 
ATOM 520 S SG   . CYS A 1 34 ? 2.225   3.310   3.328   1.00 0.00 ? 34 CYS A SG   1 
ATOM 521 H H    . CYS A 1 34 ? 0.695   1.854   6.084   1.00 0.00 ? 34 CYS A H    1 
ATOM 522 H HA   . CYS A 1 34 ? -0.551  3.747   4.138   1.00 0.00 ? 34 CYS A HA   1 
ATOM 523 H HB2  . CYS A 1 34 ? 1.088   1.245   3.698   1.00 0.00 ? 34 CYS A HB2  1 
ATOM 524 H HB3  . CYS A 1 34 ? 0.315   2.225   2.442   1.00 0.00 ? 34 CYS A HB3  1 
ATOM 525 N N    . LYS A 1 35 ? -2.687  2.480   4.002   1.00 0.00 ? 35 LYS A N    1 
ATOM 526 C CA   . LYS A 1 35 ? -3.929  1.768   3.748   1.00 0.00 ? 35 LYS A CA   1 
ATOM 527 C C    . LYS A 1 35 ? -3.853  1.311   2.291   1.00 0.00 ? 35 LYS A C    1 
ATOM 528 O O    . LYS A 1 35 ? -4.346  1.983   1.384   1.00 0.00 ? 35 LYS A O    1 
ATOM 529 C CB   . LYS A 1 35 ? -5.144  2.660   4.035   1.00 0.00 ? 35 LYS A CB   1 
ATOM 530 C CG   . LYS A 1 35 ? -5.146  3.144   5.490   1.00 0.00 ? 35 LYS A CG   1 
ATOM 531 C CD   . LYS A 1 35 ? -6.439  3.905   5.801   1.00 0.00 ? 35 LYS A CD   1 
ATOM 532 C CE   . LYS A 1 35 ? -6.367  4.594   7.168   1.00 0.00 ? 35 LYS A CE   1 
ATOM 533 N NZ   . LYS A 1 35 ? -6.242  3.623   8.267   1.00 0.00 ? 35 LYS A NZ   1 
ATOM 534 H H    . LYS A 1 35 ? -2.677  3.480   3.847   1.00 0.00 ? 35 LYS A H    1 
ATOM 535 H HA   . LYS A 1 35 ? -4.004  0.895   4.398   1.00 0.00 ? 35 LYS A HA   1 
ATOM 536 H HB2  . LYS A 1 35 ? -5.140  3.522   3.371   1.00 0.00 ? 35 LYS A HB2  1 
ATOM 537 H HB3  . LYS A 1 35 ? -6.049  2.081   3.850   1.00 0.00 ? 35 LYS A HB3  1 
ATOM 538 H HG2  . LYS A 1 35 ? -5.061  2.285   6.155   1.00 0.00 ? 35 LYS A HG2  1 
ATOM 539 H HG3  . LYS A 1 35 ? -4.295  3.805   5.655   1.00 0.00 ? 35 LYS A HG3  1 
ATOM 540 H HD2  . LYS A 1 35 ? -6.603  4.668   5.040   1.00 0.00 ? 35 LYS A HD2  1 
ATOM 541 H HD3  . LYS A 1 35 ? -7.282  3.211   5.781   1.00 0.00 ? 35 LYS A HD3  1 
ATOM 542 H HE2  . LYS A 1 35 ? -5.516  5.277   7.192   1.00 0.00 ? 35 LYS A HE2  1 
ATOM 543 H HE3  . LYS A 1 35 ? -7.280  5.171   7.320   1.00 0.00 ? 35 LYS A HE3  1 
ATOM 544 H HZ1  . LYS A 1 35 ? -7.032  2.993   8.253   1.00 0.00 ? 35 LYS A HZ1  1 
ATOM 545 H HZ2  . LYS A 1 35 ? -5.389  3.095   8.159   1.00 0.00 ? 35 LYS A HZ2  1 
ATOM 546 H HZ3  . LYS A 1 35 ? -6.221  4.113   9.150   1.00 0.00 ? 35 LYS A HZ3  1 
ATOM 547 N N    . CYS A 1 36 ? -3.190  0.170   2.077   1.00 0.00 ? 36 CYS A N    1 
ATOM 548 C CA   . CYS A 1 36 ? -2.922  -0.353  0.749   1.00 0.00 ? 36 CYS A CA   1 
ATOM 549 C C    . CYS A 1 36 ? -4.158  -0.971  0.110   1.00 0.00 ? 36 CYS A C    1 
ATOM 550 O O    . CYS A 1 36 ? -5.127  -1.305  0.790   1.00 0.00 ? 36 CYS A O    1 
ATOM 551 C CB   . CYS A 1 36 ? -1.734  -1.315  0.779   1.00 0.00 ? 36 CYS A CB   1 
ATOM 552 S SG   . CYS A 1 36 ? -0.211  -0.496  1.309   1.00 0.00 ? 36 CYS A SG   1 
ATOM 553 H H    . CYS A 1 36 ? -2.801  -0.319  2.872   1.00 0.00 ? 36 CYS A H    1 
ATOM 554 H HA   . CYS A 1 36 ? -2.622  0.483   0.128   1.00 0.00 ? 36 CYS A HA   1 
ATOM 555 H HB2  . CYS A 1 36 ? -1.947  -2.161  1.435   1.00 0.00 ? 36 CYS A HB2  1 
ATOM 556 H HB3  . CYS A 1 36 ? -1.567  -1.700  -0.227  1.00 0.00 ? 36 CYS A HB3  1 
ATOM 557 N N    . GLN A 1 37 ? -4.108  -1.107  -1.218  1.00 0.00 ? 37 GLN A N    1 
ATOM 558 C CA   . GLN A 1 37 ? -5.209  -1.635  -2.005  1.00 0.00 ? 37 GLN A CA   1 
ATOM 559 C C    . GLN A 1 37 ? -5.347  -3.137  -1.729  1.00 0.00 ? 37 GLN A C    1 
ATOM 560 O O    . GLN A 1 37 ? -4.355  -3.789  -1.402  1.00 0.00 ? 37 GLN A O    1 
ATOM 561 C CB   . GLN A 1 37 ? -4.959  -1.335  -3.493  1.00 0.00 ? 37 GLN A CB   1 
ATOM 562 C CG   . GLN A 1 37 ? -4.917  0.174   -3.782  1.00 0.00 ? 37 GLN A CG   1 
ATOM 563 C CD   . GLN A 1 37 ? -6.205  0.892   -3.377  1.00 0.00 ? 37 GLN A CD   1 
ATOM 564 O OE1  . GLN A 1 37 ? -7.300  0.375   -3.585  1.00 0.00 ? 37 GLN A OE1  1 
ATOM 565 N NE2  . GLN A 1 37 ? -6.081  2.087   -2.795  1.00 0.00 ? 37 GLN A NE2  1 
ATOM 566 H H    . GLN A 1 37 ? -3.257  -0.863  -1.705  1.00 0.00 ? 37 GLN A H    1 
ATOM 567 H HA   . GLN A 1 37 ? -6.118  -1.132  -1.676  1.00 0.00 ? 37 GLN A HA   1 
ATOM 568 H HB2  . GLN A 1 37 ? -4.003  -1.768  -3.790  1.00 0.00 ? 37 GLN A HB2  1 
ATOM 569 H HB3  . GLN A 1 37 ? -5.738  -1.790  -4.103  1.00 0.00 ? 37 GLN A HB3  1 
ATOM 570 H HG2  . GLN A 1 37 ? -4.070  0.615   -3.257  1.00 0.00 ? 37 GLN A HG2  1 
ATOM 571 H HG3  . GLN A 1 37 ? -4.767  0.320   -4.852  1.00 0.00 ? 37 GLN A HG3  1 
ATOM 572 H HE21 . GLN A 1 37 ? -5.163  2.495   -2.662  1.00 0.00 ? 37 GLN A HE21 1 
ATOM 573 H HE22 . GLN A 1 37 ? -6.905  2.586   -2.495  1.00 0.00 ? 37 GLN A HE22 1 
ATOM 574 N N    . PRO A 1 38 ? -6.564  -3.696  -1.836  1.00 0.00 ? 38 PRO A N    1 
ATOM 575 C CA   . PRO A 1 38 ? -6.821  -5.090  -1.524  1.00 0.00 ? 38 PRO A CA   1 
ATOM 576 C C    . PRO A 1 38 ? -6.082  -5.996  -2.507  1.00 0.00 ? 38 PRO A C    1 
ATOM 577 O O    . PRO A 1 38 ? -6.413  -6.037  -3.691  1.00 0.00 ? 38 PRO A O    1 
ATOM 578 C CB   . PRO A 1 38 ? -8.342  -5.261  -1.597  1.00 0.00 ? 38 PRO A CB   1 
ATOM 579 C CG   . PRO A 1 38 ? -8.787  -4.139  -2.534  1.00 0.00 ? 38 PRO A CG   1 
ATOM 580 C CD   . PRO A 1 38 ? -7.793  -3.023  -2.223  1.00 0.00 ? 38 PRO A CD   1 
ATOM 581 H HA   . PRO A 1 38 ? -6.497  -5.307  -0.504  1.00 0.00 ? 38 PRO A HA   1 
ATOM 582 H HB2  . PRO A 1 38 ? -8.643  -6.246  -1.955  1.00 0.00 ? 38 PRO A HB2  1 
ATOM 583 H HB3  . PRO A 1 38 ? -8.763  -5.082  -0.605  1.00 0.00 ? 38 PRO A HB3  1 
ATOM 584 H HG2  . PRO A 1 38 ? -8.661  -4.460  -3.569  1.00 0.00 ? 38 PRO A HG2  1 
ATOM 585 H HG3  . PRO A 1 38 ? -9.819  -3.836  -2.358  1.00 0.00 ? 38 PRO A HG3  1 
ATOM 586 H HD2  . PRO A 1 38 ? -7.666  -2.388  -3.098  1.00 0.00 ? 38 PRO A HD2  1 
ATOM 587 H HD3  . PRO A 1 38 ? -8.154  -2.431  -1.381  1.00 0.00 ? 38 PRO A HD3  1 
ATOM 588 N N    . GLY A 1 39 ? -5.077  -6.715  -1.995  1.00 0.00 ? 39 GLY A N    1 
ATOM 589 C CA   . GLY A 1 39 ? -4.299  -7.692  -2.730  1.00 0.00 ? 39 GLY A CA   1 
ATOM 590 C C    . GLY A 1 39 ? -2.865  -7.226  -2.981  1.00 0.00 ? 39 GLY A C    1 
ATOM 591 O O    . GLY A 1 39 ? -2.341  -7.454  -4.070  1.00 0.00 ? 39 GLY A O    1 
ATOM 592 H H    . GLY A 1 39 ? -4.859  -6.612  -1.015  1.00 0.00 ? 39 GLY A H    1 
ATOM 593 H HA2  . GLY A 1 39 ? -4.286  -8.596  -2.126  1.00 0.00 ? 39 GLY A HA2  1 
ATOM 594 H HA3  . GLY A 1 39 ? -4.764  -7.936  -3.683  1.00 0.00 ? 39 GLY A HA3  1 
ATOM 595 N N    . PHE A 1 40 ? -2.230  -6.594  -1.982  1.00 0.00 ? 40 PHE A N    1 
ATOM 596 C CA   . PHE A 1 40 ? -0.828  -6.191  -2.032  1.00 0.00 ? 40 PHE A CA   1 
ATOM 597 C C    . PHE A 1 40 ? -0.133  -6.525  -0.715  1.00 0.00 ? 40 PHE A C    1 
ATOM 598 O O    . PHE A 1 40 ? -0.778  -6.620  0.328   1.00 0.00 ? 40 PHE A O    1 
ATOM 599 C CB   . PHE A 1 40 ? -0.689  -4.703  -2.376  1.00 0.00 ? 40 PHE A CB   1 
ATOM 600 C CG   . PHE A 1 40 ? -0.945  -4.423  -3.841  1.00 0.00 ? 40 PHE A CG   1 
ATOM 601 C CD1  . PHE A 1 40 ? 0.117   -4.491  -4.762  1.00 0.00 ? 40 PHE A CD1  1 
ATOM 602 C CD2  . PHE A 1 40 ? -2.242  -4.126  -4.292  1.00 0.00 ? 40 PHE A CD2  1 
ATOM 603 C CE1  . PHE A 1 40 ? -0.148  -4.426  -6.140  1.00 0.00 ? 40 PHE A CE1  1 
ATOM 604 C CE2  . PHE A 1 40 ? -2.494  -3.984  -5.667  1.00 0.00 ? 40 PHE A CE2  1 
ATOM 605 C CZ   . PHE A 1 40 ? -1.455  -4.174  -6.594  1.00 0.00 ? 40 PHE A CZ   1 
ATOM 606 H H    . PHE A 1 40 ? -2.720  -6.416  -1.117  1.00 0.00 ? 40 PHE A H    1 
ATOM 607 H HA   . PHE A 1 40 ? -0.324  -6.771  -2.803  1.00 0.00 ? 40 PHE A HA   1 
ATOM 608 H HB2  . PHE A 1 40 ? -1.351  -4.110  -1.744  1.00 0.00 ? 40 PHE A HB2  1 
ATOM 609 H HB3  . PHE A 1 40 ? 0.327   -4.381  -2.155  1.00 0.00 ? 40 PHE A HB3  1 
ATOM 610 H HD1  . PHE A 1 40 ? 1.135   -4.608  -4.416  1.00 0.00 ? 40 PHE A HD1  1 
ATOM 611 H HD2  . PHE A 1 40 ? -3.053  -4.034  -3.588  1.00 0.00 ? 40 PHE A HD2  1 
ATOM 612 H HE1  . PHE A 1 40 ? 0.655   -4.551  -6.851  1.00 0.00 ? 40 PHE A HE1  1 
ATOM 613 H HE2  . PHE A 1 40 ? -3.491  -3.748  -6.008  1.00 0.00 ? 40 PHE A HE2  1 
ATOM 614 H HZ   . PHE A 1 40 ? -1.655  -4.107  -7.653  1.00 0.00 ? 40 PHE A HZ   1 
ATOM 615 N N    . THR A 1 41 ? 1.190   -6.709  -0.784  1.00 0.00 ? 41 THR A N    1 
ATOM 616 C CA   . THR A 1 41 ? 2.044   -7.053  0.341   1.00 0.00 ? 41 THR A CA   1 
ATOM 617 C C    . THR A 1 41 ? 3.435   -6.445  0.143   1.00 0.00 ? 41 THR A C    1 
ATOM 618 O O    . THR A 1 41 ? 3.800   -6.026  -0.959  1.00 0.00 ? 41 THR A O    1 
ATOM 619 C CB   . THR A 1 41 ? 2.082   -8.579  0.535   1.00 0.00 ? 41 THR A CB   1 
ATOM 620 O OG1  . THR A 1 41 ? 2.629   -8.900  1.799   1.00 0.00 ? 41 THR A OG1  1 
ATOM 621 C CG2  . THR A 1 41 ? 2.893   -9.298  -0.547  1.00 0.00 ? 41 THR A CG2  1 
ATOM 622 H H    . THR A 1 41 ? 1.645   -6.607  -1.682  1.00 0.00 ? 41 THR A H    1 
ATOM 623 H HA   . THR A 1 41 ? 1.617   -6.606  1.241   1.00 0.00 ? 41 THR A HA   1 
ATOM 624 H HB   . THR A 1 41 ? 1.058   -8.958  0.517   1.00 0.00 ? 41 THR A HB   1 
ATOM 625 H HG1  . THR A 1 41 ? 3.579   -8.771  1.768   1.00 0.00 ? 41 THR A HG1  1 
ATOM 626 H HG21 . THR A 1 41 ? 2.520   -9.029  -1.533  1.00 0.00 ? 41 THR A HG21 1 
ATOM 627 H HG22 . THR A 1 41 ? 3.948   -9.031  -0.479  1.00 0.00 ? 41 THR A HG22 1 
ATOM 628 H HG23 . THR A 1 41 ? 2.799   -10.376 -0.414  1.00 0.00 ? 41 THR A HG23 1 
ATOM 629 N N    . GLY A 1 42 ? 4.198   -6.410  1.239   1.00 0.00 ? 42 GLY A N    1 
ATOM 630 C CA   . GLY A 1 42 ? 5.506   -5.785  1.328   1.00 0.00 ? 42 GLY A CA   1 
ATOM 631 C C    . GLY A 1 42 ? 5.364   -4.448  2.051   1.00 0.00 ? 42 GLY A C    1 
ATOM 632 O O    . GLY A 1 42 ? 4.271   -3.886  2.109   1.00 0.00 ? 42 GLY A O    1 
ATOM 633 H H    . GLY A 1 42 ? 3.811   -6.792  2.090   1.00 0.00 ? 42 GLY A H    1 
ATOM 634 H HA2  . GLY A 1 42 ? 6.163   -6.441  1.900   1.00 0.00 ? 42 GLY A HA2  1 
ATOM 635 H HA3  . GLY A 1 42 ? 5.941   -5.623  0.342   1.00 0.00 ? 42 GLY A HA3  1 
ATOM 636 N N    . ALA A 1 43 ? 6.472   -3.937  2.603   1.00 0.00 ? 43 ALA A N    1 
ATOM 637 C CA   . ALA A 1 43 ? 6.499   -2.679  3.343   1.00 0.00 ? 43 ALA A CA   1 
ATOM 638 C C    . ALA A 1 43 ? 5.920   -1.530  2.514   1.00 0.00 ? 43 ALA A C    1 
ATOM 639 O O    . ALA A 1 43 ? 5.169   -0.707  3.035   1.00 0.00 ? 43 ALA A O    1 
ATOM 640 C CB   . ALA A 1 43 ? 7.938   -2.370  3.767   1.00 0.00 ? 43 ALA A CB   1 
ATOM 641 H H    . ALA A 1 43 ? 7.338   -4.447  2.513   1.00 0.00 ? 43 ALA A H    1 
ATOM 642 H HA   . ALA A 1 43 ? 5.898   -2.797  4.245   1.00 0.00 ? 43 ALA A HA   1 
ATOM 643 H HB1  . ALA A 1 43 ? 8.320   -3.179  4.390   1.00 0.00 ? 43 ALA A HB1  1 
ATOM 644 H HB2  . ALA A 1 43 ? 8.575   -2.262  2.888   1.00 0.00 ? 43 ALA A HB2  1 
ATOM 645 H HB3  . ALA A 1 43 ? 7.959   -1.441  4.339   1.00 0.00 ? 43 ALA A HB3  1 
ATOM 646 N N    . ARG A 1 44 ? 6.271   -1.492  1.223   1.00 0.00 ? 44 ARG A N    1 
ATOM 647 C CA   . ARG A 1 44 ? 5.832   -0.477  0.278   1.00 0.00 ? 44 ARG A CA   1 
ATOM 648 C C    . ARG A 1 44 ? 4.642   -0.950  -0.573  1.00 0.00 ? 44 ARG A C    1 
ATOM 649 O O    . ARG A 1 44 ? 4.277   -0.262  -1.524  1.00 0.00 ? 44 ARG A O    1 
ATOM 650 C CB   . ARG A 1 44 ? 7.023   -0.088  -0.605  1.00 0.00 ? 44 ARG A CB   1 
ATOM 651 C CG   . ARG A 1 44 ? 8.203   0.435   0.230   1.00 0.00 ? 44 ARG A CG   1 
ATOM 652 C CD   . ARG A 1 44 ? 9.283   1.051   -0.664  1.00 0.00 ? 44 ARG A CD   1 
ATOM 653 N NE   . ARG A 1 44 ? 8.775   2.223   -1.390  1.00 0.00 ? 44 ARG A NE   1 
ATOM 654 C CZ   . ARG A 1 44 ? 9.485   2.939   -2.275  1.00 0.00 ? 44 ARG A CZ   1 
ATOM 655 N NH1  . ARG A 1 44 ? 10.764  2.633   -2.536  1.00 0.00 ? 44 ARG A NH1  1 
ATOM 656 N NH2  . ARG A 1 44 ? 8.912   3.972   -2.906  1.00 0.00 ? 44 ARG A NH2  1 
ATOM 657 H H    . ARG A 1 44 ? 6.890   -2.209  0.873   1.00 0.00 ? 44 ARG A H    1 
ATOM 658 H HA   . ARG A 1 44 ? 5.515   0.418   0.815   1.00 0.00 ? 44 ARG A HA   1 
ATOM 659 H HB2  . ARG A 1 44 ? 7.359   -0.960  -1.167  1.00 0.00 ? 44 ARG A HB2  1 
ATOM 660 H HB3  . ARG A 1 44 ? 6.696   0.676   -1.309  1.00 0.00 ? 44 ARG A HB3  1 
ATOM 661 H HG2  . ARG A 1 44 ? 7.859   1.183   0.944   1.00 0.00 ? 44 ARG A HG2  1 
ATOM 662 H HG3  . ARG A 1 44 ? 8.648   -0.390  0.786   1.00 0.00 ? 44 ARG A HG3  1 
ATOM 663 H HD2  . ARG A 1 44 ? 10.120  1.359   -0.035  1.00 0.00 ? 44 ARG A HD2  1 
ATOM 664 H HD3  . ARG A 1 44 ? 9.628   0.300   -1.375  1.00 0.00 ? 44 ARG A HD3  1 
ATOM 665 H HE   . ARG A 1 44 ? 7.819   2.494   -1.198  1.00 0.00 ? 44 ARG A HE   1 
ATOM 666 H HH11 . ARG A 1 44 ? 11.203  1.857   -2.063  1.00 0.00 ? 44 ARG A HH11 1 
ATOM 667 H HH12 . ARG A 1 44 ? 11.291  3.177   -3.204  1.00 0.00 ? 44 ARG A HH12 1 
ATOM 668 H HH21 . ARG A 1 44 ? 7.942   4.200   -2.730  1.00 0.00 ? 44 ARG A HH21 1 
ATOM 669 H HH22 . ARG A 1 44 ? 9.441   4.518   -3.570  1.00 0.00 ? 44 ARG A HH22 1 
ATOM 670 N N    . CYS A 1 45 ? 4.035   -2.104  -0.249  1.00 0.00 ? 45 CYS A N    1 
ATOM 671 C CA   . CYS A 1 45 ? 2.901   -2.675  -0.977  1.00 0.00 ? 45 CYS A CA   1 
ATOM 672 C C    . CYS A 1 45 ? 3.215   -2.790  -2.470  1.00 0.00 ? 45 CYS A C    1 
ATOM 673 O O    . CYS A 1 45 ? 2.427   -2.383  -3.322  1.00 0.00 ? 45 CYS A O    1 
ATOM 674 C CB   . CYS A 1 45 ? 1.633   -1.875  -0.668  1.00 0.00 ? 45 CYS A CB   1 
ATOM 675 S SG   . CYS A 1 45 ? 1.216   -1.937  1.094   1.00 0.00 ? 45 CYS A SG   1 
ATOM 676 H H    . CYS A 1 45 ? 4.350   -2.614  0.565   1.00 0.00 ? 45 CYS A H    1 
ATOM 677 H HA   . CYS A 1 45 ? 2.717   -3.684  -0.609  1.00 0.00 ? 45 CYS A HA   1 
ATOM 678 H HB2  . CYS A 1 45 ? 1.760   -0.839  -0.977  1.00 0.00 ? 45 CYS A HB2  1 
ATOM 679 H HB3  . CYS A 1 45 ? 0.794   -2.287  -1.225  1.00 0.00 ? 45 CYS A HB3  1 
ATOM 680 N N    . THR A 1 46 ? 4.393   -3.350  -2.761  1.00 0.00 ? 46 THR A N    1 
ATOM 681 C CA   . THR A 1 46 ? 4.976   -3.484  -4.083  1.00 0.00 ? 46 THR A CA   1 
ATOM 682 C C    . THR A 1 46 ? 4.518   -4.780  -4.747  1.00 0.00 ? 46 THR A C    1 
ATOM 683 O O    . THR A 1 46 ? 4.208   -4.775  -5.937  1.00 0.00 ? 46 THR A O    1 
ATOM 684 C CB   . THR A 1 46 ? 6.510   -3.438  -3.955  1.00 0.00 ? 46 THR A CB   1 
ATOM 685 O OG1  . THR A 1 46 ? 6.931   -4.008  -2.729  1.00 0.00 ? 46 THR A OG1  1 
ATOM 686 C CG2  . THR A 1 46 ? 7.022   -1.998  -4.001  1.00 0.00 ? 46 THR A CG2  1 
ATOM 687 H H    . THR A 1 46 ? 4.965   -3.696  -2.006  1.00 0.00 ? 46 THR A H    1 
ATOM 688 H HA   . THR A 1 46 ? 4.659   -2.656  -4.716  1.00 0.00 ? 46 THR A HA   1 
ATOM 689 H HB   . THR A 1 46 ? 6.966   -3.979  -4.785  1.00 0.00 ? 46 THR A HB   1 
ATOM 690 H HG1  . THR A 1 46 ? 6.730   -4.949  -2.732  1.00 0.00 ? 46 THR A HG1  1 
ATOM 691 H HG21 . THR A 1 46 ? 6.508   -1.399  -3.250  1.00 0.00 ? 46 THR A HG21 1 
ATOM 692 H HG22 . THR A 1 46 ? 8.094   -1.982  -3.801  1.00 0.00 ? 46 THR A HG22 1 
ATOM 693 H HG23 . THR A 1 46 ? 6.845   -1.575  -4.988  1.00 0.00 ? 46 THR A HG23 1 
ATOM 694 N N    . GLU A 1 47 ? 4.476   -5.883  -3.989  1.00 0.00 ? 47 GLU A N    1 
ATOM 695 C CA   . GLU A 1 47 ? 4.164   -7.195  -4.533  1.00 0.00 ? 47 GLU A CA   1 
ATOM 696 C C    . GLU A 1 47 ? 2.658   -7.422  -4.482  1.00 0.00 ? 47 GLU A C    1 
ATOM 697 O O    . GLU A 1 47 ? 2.053   -7.289  -3.424  1.00 0.00 ? 47 GLU A O    1 
ATOM 698 C CB   . GLU A 1 47 ? 4.876   -8.301  -3.738  1.00 0.00 ? 47 GLU A CB   1 
ATOM 699 C CG   . GLU A 1 47 ? 6.385   -8.374  -3.999  1.00 0.00 ? 47 GLU A CG   1 
ATOM 700 C CD   . GLU A 1 47 ? 7.140   -7.157  -3.476  1.00 0.00 ? 47 GLU A CD   1 
ATOM 701 O OE1  . GLU A 1 47 ? 6.946   -6.832  -2.284  1.00 0.00 ? 47 GLU A OE1  1 
ATOM 702 O OE2  . GLU A 1 47 ? 7.895   -6.564  -4.277  1.00 0.00 ? 47 GLU A OE2  1 
ATOM 703 H H    . GLU A 1 47 ? 4.668   -5.819  -2.996  1.00 0.00 ? 47 GLU A H    1 
ATOM 704 H HA   . GLU A 1 47 ? 4.499   -7.251  -5.568  1.00 0.00 ? 47 GLU A HA   1 
ATOM 705 H HB2  . GLU A 1 47 ? 4.689   -8.169  -2.671  1.00 0.00 ? 47 GLU A HB2  1 
ATOM 706 H HB3  . GLU A 1 47 ? 4.452   -9.259  -4.039  1.00 0.00 ? 47 GLU A HB3  1 
ATOM 707 H HG2  . GLU A 1 47 ? 6.782   -9.257  -3.497  1.00 0.00 ? 47 GLU A HG2  1 
ATOM 708 H HG3  . GLU A 1 47 ? 6.560   -8.484  -5.071  1.00 0.00 ? 47 GLU A HG3  1 
ATOM 709 N N    . ASN A 1 48 ? 2.061   -7.772  -5.626  1.00 0.00 ? 48 ASN A N    1 
ATOM 710 C CA   . ASN A 1 48 ? 0.655   -8.133  -5.706  1.00 0.00 ? 48 ASN A CA   1 
ATOM 711 C C    . ASN A 1 48 ? 0.487   -9.567  -5.199  1.00 0.00 ? 48 ASN A C    1 
ATOM 712 O O    . ASN A 1 48 ? 1.376   -10.397 -5.391  1.00 0.00 ? 48 ASN A O    1 
ATOM 713 C CB   . ASN A 1 48 ? 0.150   -7.990  -7.147  1.00 0.00 ? 48 ASN A CB   1 
ATOM 714 C CG   . ASN A 1 48 ? 0.883   -8.924  -8.108  1.00 0.00 ? 48 ASN A CG   1 
ATOM 715 O OD1  . ASN A 1 48 ? 2.021   -8.655  -8.485  1.00 0.00 ? 48 ASN A OD1  1 
ATOM 716 N ND2  . ASN A 1 48 ? 0.239   -10.023 -8.505  1.00 0.00 ? 48 ASN A ND2  1 
ATOM 717 H H    . ASN A 1 48 ? 2.613   -7.855  -6.468  1.00 0.00 ? 48 ASN A H    1 
ATOM 718 H HA   . ASN A 1 48 ? 0.077   -7.451  -5.083  1.00 0.00 ? 48 ASN A HA   1 
ATOM 719 H HB2  . ASN A 1 48 ? -0.921  -8.200  -7.172  1.00 0.00 ? 48 ASN A HB2  1 
ATOM 720 H HB3  . ASN A 1 48 ? 0.301   -6.963  -7.479  1.00 0.00 ? 48 ASN A HB3  1 
ATOM 721 H HD21 . ASN A 1 48 ? -0.700  -10.210 -8.182  1.00 0.00 ? 48 ASN A HD21 1 
ATOM 722 H HD22 . ASN A 1 48 ? 0.695   -10.665 -9.136  1.00 0.00 ? 48 ASN A HD22 1 
ATOM 723 N N    . VAL A 1 49 ? -0.650  -9.854  -4.559  1.00 0.00 ? 49 VAL A N    1 
ATOM 724 C CA   . VAL A 1 49 ? -1.024  -11.184 -4.087  1.00 0.00 ? 49 VAL A CA   1 
ATOM 725 C C    . VAL A 1 49 ? -2.397  -11.545 -4.665  1.00 0.00 ? 49 VAL A C    1 
ATOM 726 O O    . VAL A 1 49 ? -3.095  -10.654 -5.148  1.00 0.00 ? 49 VAL A O    1 
ATOM 727 C CB   . VAL A 1 49 ? -0.964  -11.256 -2.549  1.00 0.00 ? 49 VAL A CB   1 
ATOM 728 C CG1  . VAL A 1 49 ? 0.486   -11.420 -2.089  1.00 0.00 ? 49 VAL A CG1  1 
ATOM 729 C CG2  . VAL A 1 49 ? -1.590  -10.041 -1.866  1.00 0.00 ? 49 VAL A CG2  1 
ATOM 730 H H    . VAL A 1 49 ? -1.338  -9.120  -4.440  1.00 0.00 ? 49 VAL A H    1 
ATOM 731 H HA   . VAL A 1 49 ? -0.312  -11.901 -4.490  1.00 0.00 ? 49 VAL A HA   1 
ATOM 732 H HB   . VAL A 1 49 ? -1.528  -12.116 -2.198  1.00 0.00 ? 49 VAL A HB   1 
ATOM 733 H HG11 . VAL A 1 49 ? 1.083   -10.584 -2.451  1.00 0.00 ? 49 VAL A HG11 1 
ATOM 734 H HG12 . VAL A 1 49 ? 0.526   -11.453 -1.000  1.00 0.00 ? 49 VAL A HG12 1 
ATOM 735 H HG13 . VAL A 1 49 ? 0.895   -12.350 -2.487  1.00 0.00 ? 49 VAL A HG13 1 
ATOM 736 H HG21 . VAL A 1 49 ? -2.603  -9.931  -2.242  1.00 0.00 ? 49 VAL A HG21 1 
ATOM 737 H HG22 . VAL A 1 49 ? -1.629  -10.201 -0.789  1.00 0.00 ? 49 VAL A HG22 1 
ATOM 738 H HG23 . VAL A 1 49 ? -1.008  -9.145  -2.070  1.00 0.00 ? 49 VAL A HG23 1 
ATOM 739 N N    . PRO A 1 50 ? -2.794  -12.831 -4.645  1.00 0.00 ? 50 PRO A N    1 
ATOM 740 C CA   . PRO A 1 50 ? -4.022  -13.302 -5.269  1.00 0.00 ? 50 PRO A CA   1 
ATOM 741 C C    . PRO A 1 50 ? -5.301  -12.572 -4.851  1.00 0.00 ? 50 PRO A C    1 
ATOM 742 O O    . PRO A 1 50 ? -5.789  -12.728 -3.733  1.00 0.00 ? 50 PRO A O    1 
ATOM 743 C CB   . PRO A 1 50 ? -4.104  -14.802 -4.975  1.00 0.00 ? 50 PRO A CB   1 
ATOM 744 C CG   . PRO A 1 50 ? -2.641  -15.200 -4.808  1.00 0.00 ? 50 PRO A CG   1 
ATOM 745 C CD   . PRO A 1 50 ? -2.042  -13.970 -4.132  1.00 0.00 ? 50 PRO A CD   1 
ATOM 746 H HA   . PRO A 1 50 ? -3.886  -13.189 -6.343  1.00 0.00 ? 50 PRO A HA   1 
ATOM 747 H HB2  . PRO A 1 50 ? -4.629  -14.965 -4.034  1.00 0.00 ? 50 PRO A HB2  1 
ATOM 748 H HB3  . PRO A 1 50 ? -4.593  -15.357 -5.775  1.00 0.00 ? 50 PRO A HB3  1 
ATOM 749 H HG2  . PRO A 1 50 ? -2.524  -16.103 -4.207  1.00 0.00 ? 50 PRO A HG2  1 
ATOM 750 H HG3  . PRO A 1 50 ? -2.184  -15.337 -5.788  1.00 0.00 ? 50 PRO A HG3  1 
ATOM 751 H HD2  . PRO A 1 50 ? -2.199  -14.053 -3.057  1.00 0.00 ? 50 PRO A HD2  1 
ATOM 752 H HD3  . PRO A 1 50 ? -0.977  -13.927 -4.356  1.00 0.00 ? 50 PRO A HD3  1 
ATOM 753 N N    . MET A 1 51 ? -5.833  -11.779 -5.784  1.00 0.00 ? 51 MET A N    1 
ATOM 754 C CA   . MET A 1 51 ? -7.108  -11.078 -5.681  1.00 0.00 ? 51 MET A CA   1 
ATOM 755 C C    . MET A 1 51 ? -8.167  -12.045 -6.213  1.00 0.00 ? 51 MET A C    1 
ATOM 756 O O    . MET A 1 51 ? -9.208  -12.269 -5.598  1.00 0.00 ? 51 MET A O    1 
ATOM 757 C CB   . MET A 1 51 ? -7.085  -9.823  -6.566  1.00 0.00 ? 51 MET A CB   1 
ATOM 758 C CG   . MET A 1 51 ? -6.091  -8.769  -6.079  1.00 0.00 ? 51 MET A CG   1 
ATOM 759 S SD   . MET A 1 51 ? -5.893  -7.383  -7.229  1.00 0.00 ? 51 MET A SD   1 
ATOM 760 C CE   . MET A 1 51 ? -4.341  -6.684  -6.619  1.00 0.00 ? 51 MET A CE   1 
ATOM 761 H H    . MET A 1 51 ? -5.328  -11.695 -6.653  1.00 0.00 ? 51 MET A H    1 
ATOM 762 H HA   . MET A 1 51 ? -7.327  -10.803 -4.648  1.00 0.00 ? 51 MET A HA   1 
ATOM 763 H HB2  . MET A 1 51 ? -6.818  -10.100 -7.585  1.00 0.00 ? 51 MET A HB2  1 
ATOM 764 H HB3  . MET A 1 51 ? -8.081  -9.377  -6.579  1.00 0.00 ? 51 MET A HB3  1 
ATOM 765 H HG2  . MET A 1 51 ? -6.439  -8.384  -5.121  1.00 0.00 ? 51 MET A HG2  1 
ATOM 766 H HG3  . MET A 1 51 ? -5.116  -9.231  -5.944  1.00 0.00 ? 51 MET A HG3  1 
ATOM 767 H HE1  . MET A 1 51 ? -3.564  -7.448  -6.622  1.00 0.00 ? 51 MET A HE1  1 
ATOM 768 H HE2  . MET A 1 51 ? -4.043  -5.868  -7.275  1.00 0.00 ? 51 MET A HE2  1 
ATOM 769 H HE3  . MET A 1 51 ? -4.480  -6.305  -5.607  1.00 0.00 ? 51 MET A HE3  1 
ATOM 770 N N    . LYS A 1 52 ? -7.844  -12.612 -7.380  1.00 0.00 ? 52 LYS A N    1 
ATOM 771 C CA   . LYS A 1 52 ? -8.564  -13.641 -8.111  1.00 0.00 ? 52 LYS A CA   1 
ATOM 772 C C    . LYS A 1 52 ? -7.854  -14.978 -7.867  1.00 0.00 ? 52 LYS A C    1 
ATOM 773 O O    . LYS A 1 52 ? -7.041  -15.084 -6.948  1.00 0.00 ? 52 LYS A O    1 
ATOM 774 C CB   . LYS A 1 52 ? -8.589  -13.231 -9.598  1.00 0.00 ? 52 LYS A CB   1 
ATOM 775 C CG   . LYS A 1 52 ? -7.190  -13.026 -10.214 1.00 0.00 ? 52 LYS A CG   1 
ATOM 776 C CD   . LYS A 1 52 ? -7.239  -12.486 -11.652 1.00 0.00 ? 52 LYS A CD   1 
ATOM 777 C CE   . LYS A 1 52 ? -7.800  -11.064 -11.782 1.00 0.00 ? 52 LYS A CE   1 
ATOM 778 N NZ   . LYS A 1 52 ? -7.045  -10.089 -10.976 1.00 0.00 ? 52 LYS A NZ   1 
ATOM 779 H H    . LYS A 1 52 ? -6.940  -12.358 -7.745  1.00 0.00 ? 52 LYS A H    1 
ATOM 780 H HA   . LYS A 1 52 ? -9.591  -13.718 -7.749  1.00 0.00 ? 52 LYS A HA   1 
ATOM 781 H HB2  . LYS A 1 52 ? -9.120  -13.982 -10.183 1.00 0.00 ? 52 LYS A HB2  1 
ATOM 782 H HB3  . LYS A 1 52 ? -9.147  -12.299 -9.661  1.00 0.00 ? 52 LYS A HB3  1 
ATOM 783 H HG2  . LYS A 1 52 ? -6.589  -12.341 -9.621  1.00 0.00 ? 52 LYS A HG2  1 
ATOM 784 H HG3  . LYS A 1 52 ? -6.677  -13.986 -10.236 1.00 0.00 ? 52 LYS A HG3  1 
ATOM 785 H HD2  . LYS A 1 52 ? -6.225  -12.495 -12.052 1.00 0.00 ? 52 LYS A HD2  1 
ATOM 786 H HD3  . LYS A 1 52 ? -7.852  -13.144 -12.261 1.00 0.00 ? 52 LYS A HD3  1 
ATOM 787 H HE2  . LYS A 1 52 ? -7.736  -10.763 -12.829 1.00 0.00 ? 52 LYS A HE2  1 
ATOM 788 H HE3  . LYS A 1 52 ? -8.848  -11.039 -11.489 1.00 0.00 ? 52 LYS A HE3  1 
ATOM 789 H HZ1  . LYS A 1 52 ? -6.072  -10.107 -11.246 1.00 0.00 ? 52 LYS A HZ1  1 
ATOM 790 H HZ2  . LYS A 1 52 ? -7.420  -9.164  -11.130 1.00 0.00 ? 52 LYS A HZ2  1 
ATOM 791 H HZ3  . LYS A 1 52 ? -7.128  -10.322 -9.996  1.00 0.00 ? 52 LYS A HZ3  1 
ATOM 792 N N    . VAL A 1 53 ? -8.135  -16.000 -8.689  1.00 0.00 ? 53 VAL A N    1 
ATOM 793 C CA   . VAL A 1 53 ? -7.437  -17.281 -8.634  1.00 0.00 ? 53 VAL A CA   1 
ATOM 794 C C    . VAL A 1 53 ? -6.204  -17.111 -9.521  1.00 0.00 ? 53 VAL A C    1 
ATOM 795 O O    . VAL A 1 53 ? -6.053  -17.768 -10.550 1.00 0.00 ? 53 VAL A O    1 
ATOM 796 C CB   . VAL A 1 53 ? -8.360  -18.464 -8.998  1.00 0.00 ? 53 VAL A CB   1 
ATOM 797 C CG1  . VAL A 1 53 ? -9.392  -18.666 -7.880  1.00 0.00 ? 53 VAL A CG1  1 
ATOM 798 C CG2  . VAL A 1 53 ? -9.110  -18.334 -10.332 1.00 0.00 ? 53 VAL A CG2  1 
ATOM 799 H H    . VAL A 1 53 ? -8.748  -15.838 -9.471  1.00 0.00 ? 53 VAL A H    1 
ATOM 800 H HA   . VAL A 1 53 ? -7.076  -17.472 -7.621  1.00 0.00 ? 53 VAL A HA   1 
ATOM 801 H HB   . VAL A 1 53 ? -7.750  -19.366 -9.042  1.00 0.00 ? 53 VAL A HB   1 
ATOM 802 H HG11 . VAL A 1 53 ? -8.885  -18.817 -6.927  1.00 0.00 ? 53 VAL A HG11 1 
ATOM 803 H HG12 . VAL A 1 53 ? -10.045 -17.796 -7.805  1.00 0.00 ? 53 VAL A HG12 1 
ATOM 804 H HG13 . VAL A 1 53 ? -9.998  -19.548 -8.093  1.00 0.00 ? 53 VAL A HG13 1 
ATOM 805 H HG21 . VAL A 1 53 ? -9.744  -17.447 -10.337 1.00 0.00 ? 53 VAL A HG21 1 
ATOM 806 H HG22 . VAL A 1 53 ? -8.415  -18.290 -11.165 1.00 0.00 ? 53 VAL A HG22 1 
ATOM 807 H HG23 . VAL A 1 53 ? -9.742  -19.211 -10.474 1.00 0.00 ? 53 VAL A HG23 1 
ATOM 808 N N    . GLN A 1 54 ? -5.346  -16.182 -9.075  1.00 0.00 ? 54 GLN A N    1 
ATOM 809 C CA   . GLN A 1 54 ? -4.138  -15.666 -9.697  1.00 0.00 ? 54 GLN A CA   1 
ATOM 810 C C    . GLN A 1 54 ? -3.092  -16.767 -9.869  1.00 0.00 ? 54 GLN A C    1 
ATOM 811 O O    . GLN A 1 54 ? -2.084  -16.822 -9.165  1.00 0.00 ? 54 GLN A O    1 
ATOM 812 C CB   . GLN A 1 54 ? -3.651  -14.516 -8.809  1.00 0.00 ? 54 GLN A CB   1 
ATOM 813 C CG   . GLN A 1 54 ? -2.675  -13.588 -9.531  1.00 0.00 ? 54 GLN A CG   1 
ATOM 814 C CD   . GLN A 1 54 ? -2.084  -12.558 -8.568  1.00 0.00 ? 54 GLN A CD   1 
ATOM 815 O OE1  . GLN A 1 54 ? -2.446  -11.384 -8.600  1.00 0.00 ? 54 GLN A OE1  1 
ATOM 816 N NE2  . GLN A 1 54 ? -1.166  -12.994 -7.704  1.00 0.00 ? 54 GLN A NE2  1 
ATOM 817 H H    . GLN A 1 54 ? -5.586  -15.759 -8.188  1.00 0.00 ? 54 GLN A H    1 
ATOM 818 H HA   . GLN A 1 54 ? -4.402  -15.263 -10.676 1.00 0.00 ? 54 GLN A HA   1 
ATOM 819 H HB2  . GLN A 1 54 ? -4.514  -13.917 -8.515  1.00 0.00 ? 54 GLN A HB2  1 
ATOM 820 H HB3  . GLN A 1 54 ? -3.198  -14.932 -7.910  1.00 0.00 ? 54 GLN A HB3  1 
ATOM 821 H HG2  . GLN A 1 54 ? -1.871  -14.170 -9.978  1.00 0.00 ? 54 GLN A HG2  1 
ATOM 822 H HG3  . GLN A 1 54 ? -3.227  -13.081 -10.325 1.00 0.00 ? 54 GLN A HG3  1 
ATOM 823 H HE21 . GLN A 1 54 ? -0.896  -13.968 -7.705  1.00 0.00 ? 54 GLN A HE21 1 
ATOM 824 H HE22 . GLN A 1 54 ? -0.740  -12.349 -7.055  1.00 0.00 ? 54 GLN A HE22 1 
ATOM 825 N N    . ASN A 1 55 ? -3.370  -17.644 -10.831 1.00 0.00 ? 55 ASN A N    1 
ATOM 826 C CA   . ASN A 1 55 ? -2.622  -18.851 -11.138 1.00 0.00 ? 55 ASN A CA   1 
ATOM 827 C C    . ASN A 1 55 ? -3.221  -19.485 -12.395 1.00 0.00 ? 55 ASN A C    1 
ATOM 828 O O    . ASN A 1 55 ? -2.482  -19.939 -13.267 1.00 0.00 ? 55 ASN A O    1 
ATOM 829 C CB   . ASN A 1 55 ? -2.628  -19.812 -9.931  1.00 0.00 ? 55 ASN A CB   1 
ATOM 830 C CG   . ASN A 1 55 ? -3.964  -19.830 -9.183  1.00 0.00 ? 55 ASN A CG   1 
ATOM 831 O OD1  . ASN A 1 55 ? -4.106  -19.206 -8.135  1.00 0.00 ? 55 ASN A OD1  1 
ATOM 832 N ND2  . ASN A 1 55 ? -4.956  -20.535 -9.726  1.00 0.00 ? 55 ASN A ND2  1 
ATOM 833 H H    . ASN A 1 55 ? -4.232  -17.482 -11.338 1.00 0.00 ? 55 ASN A H    1 
ATOM 834 H HA   . ASN A 1 55 ? -1.591  -18.582 -11.371 1.00 0.00 ? 55 ASN A HA   1 
ATOM 835 H HB2  . ASN A 1 55 ? -2.371  -20.819 -10.261 1.00 0.00 ? 55 ASN A HB2  1 
ATOM 836 H HB3  . ASN A 1 55 ? -1.858  -19.487 -9.230  1.00 0.00 ? 55 ASN A HB3  1 
ATOM 837 H HD21 . ASN A 1 55 ? -4.782  -21.069 -10.560 1.00 0.00 ? 55 ASN A HD21 1 
ATOM 838 H HD22 . ASN A 1 55 ? -5.886  -20.488 -9.332  1.00 0.00 ? 55 ASN A HD22 1 
ATOM 839 N N    . GLN A 1 56 ? -4.557  -19.500 -12.502 1.00 0.00 ? 56 GLN A N    1 
ATOM 840 C CA   . GLN A 1 56 ? -5.269  -19.966 -13.682 1.00 0.00 ? 56 GLN A CA   1 
ATOM 841 C C    . GLN A 1 56 ? -5.333  -18.817 -14.686 1.00 0.00 ? 56 GLN A C    1 
ATOM 842 O O    . GLN A 1 56 ? -6.401  -18.291 -14.988 1.00 0.00 ? 56 GLN A O    1 
ATOM 843 C CB   . GLN A 1 56 ? -6.671  -20.437 -13.294 1.00 0.00 ? 56 GLN A CB   1 
ATOM 844 C CG   . GLN A 1 56 ? -6.668  -21.783 -12.562 1.00 0.00 ? 56 GLN A CG   1 
ATOM 845 C CD   . GLN A 1 56 ? -7.889  -21.915 -11.658 1.00 0.00 ? 56 GLN A CD   1 
ATOM 846 O OE1  . GLN A 1 56 ? -7.764  -21.902 -10.435 1.00 0.00 ? 56 GLN A OE1  1 
ATOM 847 N NE2  . GLN A 1 56 ? -9.076  -22.037 -12.255 1.00 0.00 ? 56 GLN A NE2  1 
ATOM 848 H H    . GLN A 1 56 ? -5.113  -19.106 -11.753 1.00 0.00 ? 56 GLN A H    1 
ATOM 849 H HA   . GLN A 1 56 ? -4.745  -20.804 -14.143 1.00 0.00 ? 56 GLN A HA   1 
ATOM 850 H HB2  . GLN A 1 56 ? -7.146  -19.669 -12.680 1.00 0.00 ? 56 GLN A HB2  1 
ATOM 851 H HB3  . GLN A 1 56 ? -7.239  -20.563 -14.212 1.00 0.00 ? 56 GLN A HB3  1 
ATOM 852 H HG2  . GLN A 1 56 ? -6.664  -22.591 -13.295 1.00 0.00 ? 56 GLN A HG2  1 
ATOM 853 H HG3  . GLN A 1 56 ? -5.771  -21.883 -11.957 1.00 0.00 ? 56 GLN A HG3  1 
ATOM 854 H HE21 . GLN A 1 56 ? -9.138  -22.038 -13.262 1.00 0.00 ? 56 GLN A HE21 1 
ATOM 855 H HE22 . GLN A 1 56 ? -9.910  -22.125 -11.693 1.00 0.00 ? 56 GLN A HE22 1 
ATOM 856 N N    . GLU A 1 57 ? -4.167  -18.440 -15.212 1.00 0.00 ? 57 GLU A N    1 
ATOM 857 C CA   . GLU A 1 57 ? -4.032  -17.384 -16.206 1.00 0.00 ? 57 GLU A CA   1 
ATOM 858 C C    . GLU A 1 57 ? -4.751  -17.774 -17.502 1.00 0.00 ? 57 GLU A C    1 
ATOM 859 O O    . GLU A 1 57 ? -5.224  -16.904 -18.230 1.00 0.00 ? 57 GLU A O    1 
ATOM 860 C CB   . GLU A 1 57 ? -2.547  -17.082 -16.456 1.00 0.00 ? 57 GLU A CB   1 
ATOM 861 C CG   . GLU A 1 57 ? -1.769  -16.756 -15.171 1.00 0.00 ? 57 GLU A CG   1 
ATOM 862 C CD   . GLU A 1 57 ? -2.415  -15.632 -14.362 1.00 0.00 ? 57 GLU A CD   1 
ATOM 863 O OE1  . GLU A 1 57 ? -2.242  -14.464 -14.775 1.00 0.00 ? 57 GLU A OE1  1 
ATOM 864 O OE2  . GLU A 1 57 ? -3.067  -15.960 -13.347 1.00 0.00 ? 57 GLU A OE2  1 
ATOM 865 H H    . GLU A 1 57 ? -3.345  -18.941 -14.909 1.00 0.00 ? 57 GLU A H    1 
ATOM 866 H HA   . GLU A 1 57 ? -4.512  -16.483 -15.820 1.00 0.00 ? 57 GLU A HA   1 
ATOM 867 H HB2  . GLU A 1 57 ? -2.079  -17.944 -16.934 1.00 0.00 ? 57 GLU A HB2  1 
ATOM 868 H HB3  . GLU A 1 57 ? -2.475  -16.232 -17.136 1.00 0.00 ? 57 GLU A HB3  1 
ATOM 869 H HG2  . GLU A 1 57 ? -1.690  -17.647 -14.548 1.00 0.00 ? 57 GLU A HG2  1 
ATOM 870 H HG3  . GLU A 1 57 ? -0.759  -16.453 -15.446 1.00 0.00 ? 57 GLU A HG3  1 
ATOM 871 N N    . LYS A 1 58 ? -4.837  -19.082 -17.774 1.00 0.00 ? 58 LYS A N    1 
ATOM 872 C CA   . LYS A 1 58 ? -5.571  -19.643 -18.896 1.00 0.00 ? 58 LYS A CA   1 
ATOM 873 C C    . LYS A 1 58 ? -7.068  -19.363 -18.758 1.00 0.00 ? 58 LYS A C    1 
ATOM 874 O O    . LYS A 1 58 ? -7.728  -19.066 -19.754 1.00 0.00 ? 58 LYS A O    1 
ATOM 875 C CB   . LYS A 1 58 ? -5.336  -21.157 -18.952 1.00 0.00 ? 58 LYS A CB   1 
ATOM 876 C CG   . LYS A 1 58 ? -3.861  -21.563 -19.088 1.00 0.00 ? 58 LYS A CG   1 
ATOM 877 C CD   . LYS A 1 58 ? -3.213  -20.997 -20.359 1.00 0.00 ? 58 LYS A CD   1 
ATOM 878 C CE   . LYS A 1 58 ? -1.816  -21.583 -20.587 1.00 0.00 ? 58 LYS A CE   1 
ATOM 879 N NZ   . LYS A 1 58 ? -0.880  -21.212 -19.512 1.00 0.00 ? 58 LYS A NZ   1 
ATOM 880 H H    . LYS A 1 58 ? -4.412  -19.739 -17.136 1.00 0.00 ? 58 LYS A H    1 
ATOM 881 H HA   . LYS A 1 58 ? -5.224  -19.184 -19.821 1.00 0.00 ? 58 LYS A HA   1 
ATOM 882 H HB2  . LYS A 1 58 ? -5.731  -21.599 -18.035 1.00 0.00 ? 58 LYS A HB2  1 
ATOM 883 H HB3  . LYS A 1 58 ? -5.897  -21.560 -19.795 1.00 0.00 ? 58 LYS A HB3  1 
ATOM 884 H HG2  . LYS A 1 58 ? -3.305  -21.233 -18.211 1.00 0.00 ? 58 LYS A HG2  1 
ATOM 885 H HG3  . LYS A 1 58 ? -3.819  -22.652 -19.129 1.00 0.00 ? 58 LYS A HG3  1 
ATOM 886 H HD2  . LYS A 1 58 ? -3.837  -21.247 -21.218 1.00 0.00 ? 58 LYS A HD2  1 
ATOM 887 H HD3  . LYS A 1 58 ? -3.129  -19.912 -20.288 1.00 0.00 ? 58 LYS A HD3  1 
ATOM 888 H HE2  . LYS A 1 58 ? -1.877  -22.670 -20.649 1.00 0.00 ? 58 LYS A HE2  1 
ATOM 889 H HE3  . LYS A 1 58 ? -1.424  -21.202 -21.530 1.00 0.00 ? 58 LYS A HE3  1 
ATOM 890 H HZ1  . LYS A 1 58 ? -0.816  -20.206 -19.450 1.00 0.00 ? 58 LYS A HZ1  1 
ATOM 891 H HZ2  . LYS A 1 58 ? -1.208  -21.583 -18.631 1.00 0.00 ? 58 LYS A HZ2  1 
ATOM 892 H HZ3  . LYS A 1 58 ? 0.034   -21.593 -19.714 1.00 0.00 ? 58 LYS A HZ3  1 
ATOM 893 N N    . ALA A 1 59 ? -7.605  -19.463 -17.534 1.00 0.00 ? 59 ALA A N    1 
ATOM 894 C CA   . ALA A 1 59 ? -9.011  -19.200 -17.267 1.00 0.00 ? 59 ALA A CA   1 
ATOM 895 C C    . ALA A 1 59 ? -9.336  -17.733 -17.546 1.00 0.00 ? 59 ALA A C    1 
ATOM 896 O O    . ALA A 1 59 ? -8.462  -16.868 -17.487 1.00 0.00 ? 59 ALA A O    1 
ATOM 897 C CB   . ALA A 1 59 ? -9.364  -19.579 -15.824 1.00 0.00 ? 59 ALA A CB   1 
ATOM 898 H H    . ALA A 1 59 ? -7.008  -19.675 -16.746 1.00 0.00 ? 59 ALA A H    1 
ATOM 899 H HA   . ALA A 1 59 ? -9.606  -19.829 -17.933 1.00 0.00 ? 59 ALA A HA   1 
ATOM 900 H HB1  . ALA A 1 59 ? -9.095  -20.619 -15.637 1.00 0.00 ? 59 ALA A HB1  1 
ATOM 901 H HB2  . ALA A 1 59 ? -8.838  -18.936 -15.119 1.00 0.00 ? 59 ALA A HB2  1 
ATOM 902 H HB3  . ALA A 1 59 ? -10.435 -19.462 -15.662 1.00 0.00 ? 59 ALA A HB3  1 
ATOM 903 N N    . GLU A 1 60 ? -10.609 -17.461 -17.847 1.00 0.00 ? 60 GLU A N    1 
ATOM 904 C CA   . GLU A 1 60 ? -11.105 -16.149 -18.247 1.00 0.00 ? 60 GLU A CA   1 
ATOM 905 C C    . GLU A 1 60 ? -11.323 -15.241 -17.027 1.00 0.00 ? 60 GLU A C    1 
ATOM 906 O O    . GLU A 1 60 ? -12.327 -14.537 -16.942 1.00 0.00 ? 60 GLU A O    1 
ATOM 907 C CB   . GLU A 1 60 ? -12.389 -16.317 -19.081 1.00 0.00 ? 60 GLU A CB   1 
ATOM 908 C CG   . GLU A 1 60 ? -12.145 -16.961 -20.456 1.00 0.00 ? 60 GLU A CG   1 
ATOM 909 C CD   . GLU A 1 60 ? -11.699 -18.421 -20.385 1.00 0.00 ? 60 GLU A CD   1 
ATOM 910 O OE1  . GLU A 1 60 ? -12.369 -19.189 -19.660 1.00 0.00 ? 60 GLU A OE1  1 
ATOM 911 O OE2  . GLU A 1 60 ? -10.693 -18.744 -21.053 1.00 0.00 ? 60 GLU A OE2  1 
ATOM 912 H H    . GLU A 1 60 ? -11.259 -18.233 -17.867 1.00 0.00 ? 60 GLU A H    1 
ATOM 913 H HA   . GLU A 1 60 ? -10.359 -15.666 -18.879 1.00 0.00 ? 60 GLU A HA   1 
ATOM 914 H HB2  . GLU A 1 60 ? -13.123 -16.896 -18.519 1.00 0.00 ? 60 GLU A HB2  1 
ATOM 915 H HB3  . GLU A 1 60 ? -12.816 -15.332 -19.274 1.00 0.00 ? 60 GLU A HB3  1 
ATOM 916 H HG2  . GLU A 1 60 ? -13.076 -16.925 -21.023 1.00 0.00 ? 60 GLU A HG2  1 
ATOM 917 H HG3  . GLU A 1 60 ? -11.397 -16.376 -20.993 1.00 0.00 ? 60 GLU A HG3  1 
ATOM 918 N N    . GLU A 1 61 ? -10.368 -15.246 -16.088 1.00 0.00 ? 61 GLU A N    1 
ATOM 919 C CA   . GLU A 1 61 ? -10.352 -14.375 -14.923 1.00 0.00 ? 61 GLU A CA   1 
ATOM 920 C C    . GLU A 1 61 ? -9.743  -13.020 -15.295 1.00 0.00 ? 61 GLU A C    1 
ATOM 921 O O    . GLU A 1 61 ? -10.140 -11.992 -14.750 1.00 0.00 ? 61 GLU A O    1 
ATOM 922 C CB   . GLU A 1 61 ? -9.597  -15.048 -13.767 1.00 0.00 ? 61 GLU A CB   1 
ATOM 923 C CG   . GLU A 1 61 ? -8.112  -15.336 -14.063 1.00 0.00 ? 61 GLU A CG   1 
ATOM 924 C CD   . GLU A 1 61 ? -7.337  -15.818 -12.838 1.00 0.00 ? 61 GLU A CD   1 
ATOM 925 O OE1  . GLU A 1 61 ? -7.947  -15.856 -11.748 1.00 0.00 ? 61 GLU A OE1  1 
ATOM 926 O OE2  . GLU A 1 61 ? -6.138  -16.127 -13.010 1.00 0.00 ? 61 GLU A OE2  1 
ATOM 927 H H    . GLU A 1 61 ? -9.562  -15.836 -16.228 1.00 0.00 ? 61 GLU A H    1 
ATOM 928 H HA   . GLU A 1 61 ? -11.376 -14.209 -14.584 1.00 0.00 ? 61 GLU A HA   1 
ATOM 929 H HB2  . GLU A 1 61 ? -9.677  -14.386 -12.904 1.00 0.00 ? 61 GLU A HB2  1 
ATOM 930 H HB3  . GLU A 1 61 ? -10.094 -15.988 -13.520 1.00 0.00 ? 61 GLU A HB3  1 
ATOM 931 H HG2  . GLU A 1 61 ? -8.031  -16.090 -14.845 1.00 0.00 ? 61 GLU A HG2  1 
ATOM 932 H HG3  . GLU A 1 61 ? -7.614  -14.429 -14.396 1.00 0.00 ? 61 GLU A HG3  1 
ATOM 933 N N    . LEU A 1 62 ? -8.780  -13.029 -16.226 1.00 0.00 ? 62 LEU A N    1 
ATOM 934 C CA   . LEU A 1 62 ? -8.104  -11.842 -16.720 1.00 0.00 ? 62 LEU A CA   1 
ATOM 935 C C    . LEU A 1 62 ? -9.056  -11.057 -17.623 1.00 0.00 ? 62 LEU A C    1 
ATOM 936 O O    . LEU A 1 62 ? -9.225  -9.853  -17.445 1.00 0.00 ? 62 LEU A O    1 
ATOM 937 C CB   . LEU A 1 62 ? -6.831  -12.244 -17.484 1.00 0.00 ? 62 LEU A CB   1 
ATOM 938 C CG   . LEU A 1 62 ? -5.890  -13.177 -16.701 1.00 0.00 ? 62 LEU A CG   1 
ATOM 939 C CD1  . LEU A 1 62 ? -4.666  -13.496 -17.567 1.00 0.00 ? 62 LEU A CD1  1 
ATOM 940 C CD2  . LEU A 1 62 ? -5.426  -12.555 -15.379 1.00 0.00 ? 62 LEU A CD2  1 
ATOM 941 H H    . LEU A 1 62 ? -8.506  -13.915 -16.626 1.00 0.00 ? 62 LEU A H    1 
ATOM 942 H HA   . LEU A 1 62 ? -7.827  -11.206 -15.879 1.00 0.00 ? 62 LEU A HA   1 
ATOM 943 H HB2  . LEU A 1 62 ? -7.118  -12.756 -18.403 1.00 0.00 ? 62 LEU A HB2  1 
ATOM 944 H HB3  . LEU A 1 62 ? -6.291  -11.335 -17.754 1.00 0.00 ? 62 LEU A HB3  1 
ATOM 945 H HG   . LEU A 1 62 ? -6.396  -14.122 -16.493 1.00 0.00 ? 62 LEU A HG   1 
ATOM 946 H HD11 . LEU A 1 62 ? -4.985  -13.968 -18.496 1.00 0.00 ? 62 LEU A HD11 1 
ATOM 947 H HD12 . LEU A 1 62 ? -4.121  -12.581 -17.798 1.00 0.00 ? 62 LEU A HD12 1 
ATOM 948 H HD13 . LEU A 1 62 ? -4.006  -14.181 -17.035 1.00 0.00 ? 62 LEU A HD13 1 
ATOM 949 H HD21 . LEU A 1 62 ? -4.933  -11.601 -15.567 1.00 0.00 ? 62 LEU A HD21 1 
ATOM 950 H HD22 . LEU A 1 62 ? -6.272  -12.396 -14.711 1.00 0.00 ? 62 LEU A HD22 1 
ATOM 951 H HD23 . LEU A 1 62 ? -4.725  -13.228 -14.885 1.00 0.00 ? 62 LEU A HD23 1 
ATOM 952 N N    . TYR A 1 63 ? -9.669  -11.756 -18.588 1.00 0.00 ? 63 TYR A N    1 
ATOM 953 C CA   . TYR A 1 63 ? -10.604 -11.197 -19.554 1.00 0.00 ? 63 TYR A CA   1 
ATOM 954 C C    . TYR A 1 63 ? -11.672 -12.244 -19.865 1.00 0.00 ? 63 TYR A C    1 
ATOM 955 O O    . TYR A 1 63 ? -12.867 -11.899 -19.743 1.00 0.00 ? 63 TYR A O    1 
ATOM 956 C CB   . TYR A 1 63 ? -9.856  -10.780 -20.828 1.00 0.00 ? 63 TYR A CB   1 
ATOM 957 C CG   . TYR A 1 63 ? -8.738  -9.784  -20.589 1.00 0.00 ? 63 TYR A CG   1 
ATOM 958 C CD1  . TYR A 1 63 ? -9.038  -8.422  -20.403 1.00 0.00 ? 63 TYR A CD1  1 
ATOM 959 C CD2  . TYR A 1 63 ? -7.400  -10.219 -20.532 1.00 0.00 ? 63 TYR A CD2  1 
ATOM 960 C CE1  . TYR A 1 63 ? -8.010  -7.504  -20.126 1.00 0.00 ? 63 TYR A CE1  1 
ATOM 961 C CE2  . TYR A 1 63 ? -6.373  -9.303  -20.250 1.00 0.00 ? 63 TYR A CE2  1 
ATOM 962 C CZ   . TYR A 1 63 ? -6.677  -7.946  -20.042 1.00 0.00 ? 63 TYR A CZ   1 
ATOM 963 O OH   . TYR A 1 63 ? -5.678  -7.063  -19.757 1.00 0.00 ? 63 TYR A OH   1 
ATOM 964 O OXT  . TYR A 1 63 ? -11.273 -13.374 -20.222 1.00 0.00 ? 63 TYR A OXT  1 
ATOM 965 H H    . TYR A 1 63 ? -9.478  -12.744 -18.661 1.00 0.00 ? 63 TYR A H    1 
ATOM 966 H HA   . TYR A 1 63 ? -11.093 -10.318 -19.130 1.00 0.00 ? 63 TYR A HA   1 
ATOM 967 H HB2  . TYR A 1 63 ? -9.438  -11.671 -21.302 1.00 0.00 ? 63 TYR A HB2  1 
ATOM 968 H HB3  . TYR A 1 63 ? -10.572 -10.341 -21.523 1.00 0.00 ? 63 TYR A HB3  1 
ATOM 969 H HD1  . TYR A 1 63 ? -10.061 -8.079  -20.458 1.00 0.00 ? 63 TYR A HD1  1 
ATOM 970 H HD2  . TYR A 1 63 ? -7.158  -11.260 -20.688 1.00 0.00 ? 63 TYR A HD2  1 
ATOM 971 H HE1  . TYR A 1 63 ? -8.248  -6.462  -19.974 1.00 0.00 ? 63 TYR A HE1  1 
ATOM 972 H HE2  . TYR A 1 63 ? -5.349  -9.643  -20.192 1.00 0.00 ? 63 TYR A HE2  1 
ATOM 973 H HH   . TYR A 1 63 ? -5.992  -6.165  -19.626 1.00 0.00 ? 63 TYR A HH   1 
# 
